data_4F0L
#
_entry.id   4F0L
#
_cell.length_a   53.592
_cell.length_b   62.192
_cell.length_c   68.926
_cell.angle_alpha   92.750
_cell.angle_beta   95.490
_cell.angle_gamma   112.320
#
_symmetry.space_group_name_H-M   'P 1'
#
loop_
_entity.id
_entity.type
_entity.pdbx_description
1 polymer Amidohydrolase
2 non-polymer 'FE (III) ION'
3 non-polymer 'FORMIC ACID'
4 water water
#
_entity_poly.entity_id   1
_entity_poly.type   'polypeptide(L)'
_entity_poly.pdbx_seq_one_letter_code
;GPGSMSDQSSQHFIHARQALLPDGWAENVRIGIAGGVICSIETGVLAGPDDERQSVVVAGMANLHSHAFQYGMAGLAERR
GPSADSFWSWREIMYKFALTMTPEQAEAVALRLYVDMLEAGFTRVGEFHYLHHDCDGTPYANLSEMADRIAAAATTAGMG
LTLLPVFYAHSGFGGAAANEGQRRFINDPERFARLIEGCRKTLEGFEGAVLGVAPHSLRAVTPDELDSVTQLLPDAPVHI
HVAEQVKEVEDCIAWSGKRPVEWLLDHQDVTARWCLIHATHMSDEETKHMAKAGAIAGLCPVTEANLGDGTFNATEFAAA
GGKFGIGSDSNVLIGIGDELRQLEYSQRLYHRARNVLAANEGSTGRALFDGAVLGGNIAMGRPEDGLKKGASADFVSLDV
ERLPHAKGDVVLDGWIFAGRAHVCDVWVRGVKQVEGGRHRLRDEAERAFQKALGELLA
;
_entity_poly.pdbx_strand_id   A,B
#
# COMPACT_ATOMS: atom_id res chain seq x y z
N GLN A 11 33.30 -5.08 -22.77
CA GLN A 11 32.23 -5.86 -22.09
C GLN A 11 32.53 -5.90 -20.59
N HIS A 12 31.58 -5.48 -19.75
CA HIS A 12 31.65 -5.71 -18.30
C HIS A 12 30.45 -6.54 -17.87
N PHE A 13 30.56 -7.18 -16.71
CA PHE A 13 29.71 -8.31 -16.41
C PHE A 13 29.05 -8.25 -15.04
N ILE A 14 27.76 -8.57 -15.02
CA ILE A 14 27.02 -8.77 -13.77
C ILE A 14 26.73 -10.25 -13.67
N HIS A 15 27.01 -10.84 -12.51
CA HIS A 15 26.61 -12.22 -12.28
C HIS A 15 25.47 -12.27 -11.31
N ALA A 16 24.36 -12.85 -11.73
CA ALA A 16 23.15 -12.97 -10.93
C ALA A 16 22.88 -14.42 -10.55
N ARG A 17 22.71 -14.68 -9.26
CA ARG A 17 22.37 -15.98 -8.81
C ARG A 17 21.03 -16.46 -9.40
N GLN A 18 20.08 -15.54 -9.51
CA GLN A 18 18.85 -15.77 -10.28
C GLN A 18 18.51 -14.52 -11.08
N ALA A 19 18.05 -14.70 -12.33
CA ALA A 19 17.66 -13.58 -13.17
C ALA A 19 16.39 -13.98 -13.89
N LEU A 20 15.42 -13.05 -13.98
CA LEU A 20 14.13 -13.39 -14.57
C LEU A 20 14.15 -13.04 -16.04
N LEU A 21 14.42 -14.02 -16.88
CA LEU A 21 14.55 -13.79 -18.31
C LEU A 21 13.14 -13.91 -18.97
N PRO A 22 12.99 -13.50 -20.25
CA PRO A 22 11.66 -13.52 -20.83
C PRO A 22 11.01 -14.87 -20.84
N ASP A 23 11.80 -15.94 -20.89
CA ASP A 23 11.26 -17.29 -20.91
C ASP A 23 11.33 -17.90 -19.51
N GLY A 24 11.52 -17.08 -18.46
CA GLY A 24 11.53 -17.61 -17.08
C GLY A 24 12.79 -17.38 -16.25
N TRP A 25 12.73 -17.79 -14.98
CA TRP A 25 13.90 -17.72 -14.13
C TRP A 25 15.04 -18.54 -14.67
N ALA A 26 16.24 -17.97 -14.69
CA ALA A 26 17.49 -18.71 -14.95
C ALA A 26 18.42 -18.52 -13.77
N GLU A 27 19.28 -19.49 -13.55
CA GLU A 27 20.21 -19.44 -12.40
C GLU A 27 21.67 -19.29 -12.84
N ASN A 28 22.47 -18.59 -12.02
CA ASN A 28 23.88 -18.43 -12.23
C ASN A 28 24.15 -17.80 -13.60
N VAL A 29 23.61 -16.59 -13.76
CA VAL A 29 23.50 -15.94 -15.03
C VAL A 29 24.51 -14.83 -15.12
N ARG A 30 25.31 -14.90 -16.16
CA ARG A 30 26.26 -13.90 -16.43
C ARG A 30 25.75 -12.95 -17.56
N ILE A 31 25.59 -11.67 -17.24
CA ILE A 31 25.05 -10.72 -18.19
C ILE A 31 26.18 -9.82 -18.58
N GLY A 32 26.51 -9.81 -19.86
CA GLY A 32 27.59 -8.97 -20.39
C GLY A 32 27.04 -7.71 -21.03
N ILE A 33 27.63 -6.57 -20.69
CA ILE A 33 27.13 -5.26 -21.09
C ILE A 33 28.24 -4.46 -21.72
N ALA A 34 27.94 -3.78 -22.83
CA ALA A 34 28.86 -2.92 -23.52
C ALA A 34 28.09 -1.82 -24.22
N GLY A 35 28.60 -0.61 -24.07
CA GLY A 35 27.99 0.57 -24.63
C GLY A 35 26.58 0.74 -24.16
N GLY A 36 26.31 0.41 -22.89
CA GLY A 36 25.00 0.55 -22.31
C GLY A 36 23.94 -0.44 -22.77
N VAL A 37 24.35 -1.46 -23.51
CA VAL A 37 23.40 -2.44 -24.00
C VAL A 37 23.86 -3.86 -23.65
N ILE A 38 22.90 -4.77 -23.61
CA ILE A 38 23.20 -6.15 -23.24
C ILE A 38 23.77 -6.91 -24.43
N CYS A 39 25.01 -7.37 -24.28
CA CYS A 39 25.73 -8.08 -25.37
C CYS A 39 25.77 -9.59 -25.25
N SER A 40 25.64 -10.11 -24.03
CA SER A 40 25.65 -11.57 -23.84
C SER A 40 24.87 -11.98 -22.59
N ILE A 41 24.28 -13.18 -22.66
CA ILE A 41 23.62 -13.78 -21.53
C ILE A 41 24.00 -15.27 -21.51
N GLU A 42 24.62 -15.73 -20.41
CA GLU A 42 25.10 -17.14 -20.25
C GLU A 42 24.50 -17.68 -18.98
N THR A 43 23.94 -18.89 -18.97
CA THR A 43 23.37 -19.41 -17.73
C THR A 43 24.17 -20.58 -17.17
N GLY A 44 23.97 -20.86 -15.89
CA GLY A 44 24.56 -22.01 -15.21
C GLY A 44 26.05 -21.97 -14.92
N VAL A 45 26.62 -20.76 -14.79
CA VAL A 45 28.08 -20.61 -14.67
C VAL A 45 28.45 -19.85 -13.40
N LEU A 46 29.69 -19.98 -12.94
CA LEU A 46 30.16 -19.18 -11.81
C LEU A 46 30.52 -17.80 -12.30
N ALA A 47 30.69 -16.89 -11.35
CA ALA A 47 31.15 -15.53 -11.67
C ALA A 47 32.63 -15.52 -12.06
N GLY A 48 32.95 -14.84 -13.15
CA GLY A 48 34.33 -14.48 -13.44
C GLY A 48 34.90 -13.56 -12.38
N PRO A 49 36.23 -13.44 -12.34
CA PRO A 49 36.85 -12.77 -11.23
C PRO A 49 36.53 -11.31 -11.19
N ASP A 50 36.20 -10.69 -12.34
CA ASP A 50 35.85 -9.26 -12.35
C ASP A 50 34.32 -8.98 -12.44
N ASP A 51 33.50 -10.04 -12.38
CA ASP A 51 32.06 -9.86 -12.42
C ASP A 51 31.60 -9.20 -11.17
N GLU A 52 30.64 -8.30 -11.29
CA GLU A 52 29.94 -7.84 -10.13
C GLU A 52 28.84 -8.86 -9.75
N ARG A 53 28.80 -9.24 -8.48
CA ARG A 53 27.89 -10.28 -8.01
C ARG A 53 26.56 -9.74 -7.48
N GLN A 54 25.45 -10.31 -7.93
CA GLN A 54 24.13 -9.94 -7.41
C GLN A 54 23.35 -11.22 -7.10
N SER A 55 22.39 -11.14 -6.19
CA SER A 55 21.58 -12.30 -5.86
C SER A 55 20.43 -12.49 -6.84
N VAL A 56 19.58 -11.48 -7.02
CA VAL A 56 18.36 -11.62 -7.78
C VAL A 56 18.21 -10.39 -8.68
N VAL A 57 18.17 -10.61 -10.01
CA VAL A 57 18.10 -9.52 -10.97
C VAL A 57 16.86 -9.65 -11.84
N VAL A 58 16.15 -8.55 -11.97
CA VAL A 58 14.95 -8.47 -12.78
C VAL A 58 15.04 -7.28 -13.72
N ALA A 59 14.19 -7.27 -14.75
CA ALA A 59 14.15 -6.16 -15.70
C ALA A 59 13.76 -4.88 -15.00
N GLY A 60 14.25 -3.76 -15.53
CA GLY A 60 13.79 -2.46 -15.18
C GLY A 60 12.33 -2.26 -15.59
N MET A 61 11.56 -1.57 -14.76
CA MET A 61 10.16 -1.30 -15.01
C MET A 61 9.96 0.07 -15.61
N ALA A 62 9.17 0.14 -16.67
CA ALA A 62 8.73 1.41 -17.18
C ALA A 62 7.66 2.01 -16.28
N ASN A 63 7.76 3.32 -16.05
CA ASN A 63 6.74 4.05 -15.35
C ASN A 63 5.99 4.80 -16.43
N LEU A 64 4.96 4.18 -16.98
CA LEU A 64 4.51 4.59 -18.29
C LEU A 64 3.62 5.87 -18.31
N HIS A 65 3.37 6.52 -17.16
CA HIS A 65 2.51 7.71 -17.13
C HIS A 65 2.78 8.49 -15.87
N SER A 66 3.30 9.71 -16.07
CA SER A 66 3.75 10.60 -15.01
C SER A 66 3.42 12.04 -15.37
N HIS A 67 2.93 12.79 -14.38
CA HIS A 67 2.93 14.26 -14.44
C HIS A 67 3.84 14.78 -13.37
N ALA A 68 5.05 15.13 -13.76
CA ALA A 68 6.15 15.37 -12.82
C ALA A 68 5.77 16.41 -11.79
N PHE A 69 5.19 17.52 -12.21
CA PHE A 69 4.95 18.60 -11.26
C PHE A 69 4.02 18.22 -10.09
N GLN A 70 3.17 17.21 -10.30
CA GLN A 70 2.22 16.76 -9.25
C GLN A 70 2.89 16.08 -8.09
N TYR A 71 4.12 15.60 -8.31
CA TYR A 71 4.95 15.09 -7.20
C TYR A 71 5.11 16.13 -6.10
N GLY A 72 5.14 17.41 -6.46
CA GLY A 72 5.21 18.47 -5.48
C GLY A 72 4.01 18.53 -4.54
N MET A 73 2.84 18.06 -4.98
CA MET A 73 1.65 18.19 -4.18
C MET A 73 1.35 16.92 -3.44
N ALA A 74 2.20 15.89 -3.57
CA ALA A 74 1.97 14.59 -2.92
C ALA A 74 1.79 14.76 -1.40
N GLY A 75 0.70 14.20 -0.88
CA GLY A 75 0.41 14.30 0.54
C GLY A 75 -0.31 15.56 0.96
N LEU A 76 -0.47 16.50 0.05
CA LEU A 76 -1.11 17.79 0.35
C LEU A 76 -2.58 17.86 -0.03
N ALA A 77 -3.11 16.85 -0.74
CA ALA A 77 -4.54 16.88 -1.17
C ALA A 77 -5.43 15.94 -0.36
N GLU A 78 -5.08 15.67 0.91
CA GLU A 78 -5.82 14.69 1.72
C GLU A 78 -6.64 15.32 2.85
N ARG A 79 -7.04 16.57 2.65
CA ARG A 79 -7.95 17.27 3.53
C ARG A 79 -9.28 17.47 2.81
N ARG A 80 -10.36 17.17 3.51
CA ARG A 80 -11.68 17.15 2.88
C ARG A 80 -12.12 18.55 2.45
N GLY A 81 -11.93 19.54 3.29
CA GLY A 81 -12.29 20.92 2.96
C GLY A 81 -13.79 21.17 3.02
N PRO A 82 -14.20 22.42 2.82
CA PRO A 82 -15.64 22.73 2.95
C PRO A 82 -16.56 22.41 1.74
N SER A 83 -16.01 22.03 0.58
CA SER A 83 -16.85 21.86 -0.64
C SER A 83 -17.73 20.60 -0.64
N ALA A 84 -18.93 20.69 -1.21
CA ALA A 84 -19.81 19.52 -1.49
C ALA A 84 -19.15 18.58 -2.50
N ASP A 85 -18.31 19.16 -3.36
CA ASP A 85 -17.55 18.40 -4.33
C ASP A 85 -16.26 17.89 -3.64
N SER A 86 -16.20 16.59 -3.33
CA SER A 86 -15.02 16.01 -2.66
C SER A 86 -13.73 16.04 -3.51
N PHE A 87 -13.84 16.38 -4.80
CA PHE A 87 -12.65 16.54 -5.66
C PHE A 87 -12.11 17.96 -5.72
N TRP A 88 -12.78 18.91 -5.07
CA TRP A 88 -12.39 20.31 -5.16
C TRP A 88 -10.98 20.54 -4.64
N SER A 89 -10.70 20.01 -3.47
CA SER A 89 -9.41 20.23 -2.81
C SER A 89 -8.23 19.71 -3.67
N TRP A 90 -8.42 18.59 -4.36
CA TRP A 90 -7.38 18.08 -5.27
C TRP A 90 -7.13 19.05 -6.43
N ARG A 91 -8.18 19.48 -7.09
CA ARG A 91 -8.04 20.47 -8.18
C ARG A 91 -7.46 21.81 -7.68
N GLU A 92 -7.86 22.27 -6.50
CA GLU A 92 -7.36 23.55 -5.95
C GLU A 92 -5.86 23.48 -5.74
N ILE A 93 -5.38 22.40 -5.11
CA ILE A 93 -3.94 22.23 -4.89
C ILE A 93 -3.25 22.06 -6.24
N MET A 94 -3.83 21.25 -7.13
CA MET A 94 -3.17 20.94 -8.39
C MET A 94 -2.96 22.22 -9.19
N TYR A 95 -4.00 23.07 -9.27
CA TYR A 95 -3.90 24.33 -9.99
C TYR A 95 -3.00 25.36 -9.29
N LYS A 96 -2.94 25.36 -7.97
CA LYS A 96 -1.99 26.24 -7.29
C LYS A 96 -0.54 25.93 -7.77
N PHE A 97 -0.15 24.66 -7.80
CA PHE A 97 1.18 24.27 -8.32
C PHE A 97 1.29 24.52 -9.83
N ALA A 98 0.32 24.04 -10.60
CA ALA A 98 0.37 24.16 -12.06
C ALA A 98 0.52 25.61 -12.54
N LEU A 99 -0.19 26.53 -11.90
CA LEU A 99 -0.28 27.89 -12.40
C LEU A 99 0.87 28.78 -11.93
N THR A 100 1.68 28.33 -10.96
CA THR A 100 2.76 29.17 -10.43
C THR A 100 4.17 28.61 -10.61
N MET A 101 4.31 27.34 -10.99
CA MET A 101 5.62 26.74 -11.07
C MET A 101 6.47 27.34 -12.21
N THR A 102 7.70 27.71 -11.86
CA THR A 102 8.69 28.21 -12.85
C THR A 102 9.46 27.04 -13.48
N PRO A 103 10.19 27.29 -14.57
CA PRO A 103 10.97 26.20 -15.16
C PRO A 103 12.05 25.65 -14.25
N GLU A 104 12.71 26.53 -13.50
CA GLU A 104 13.73 26.11 -12.53
C GLU A 104 13.09 25.19 -11.47
N GLN A 105 11.91 25.56 -10.97
CA GLN A 105 11.20 24.75 -10.00
C GLN A 105 10.76 23.43 -10.62
N ALA A 106 10.29 23.47 -11.86
CA ALA A 106 9.84 22.26 -12.53
C ALA A 106 11.00 21.26 -12.66
N GLU A 107 12.19 21.73 -12.99
CA GLU A 107 13.33 20.84 -13.15
C GLU A 107 13.72 20.18 -11.82
N ALA A 108 13.70 20.98 -10.74
CA ALA A 108 13.96 20.46 -9.39
C ALA A 108 12.98 19.39 -8.95
N VAL A 109 11.68 19.65 -9.17
CA VAL A 109 10.65 18.68 -8.86
C VAL A 109 10.82 17.40 -9.67
N ALA A 110 10.98 17.54 -10.99
CA ALA A 110 11.14 16.37 -11.85
C ALA A 110 12.41 15.58 -11.50
N LEU A 111 13.49 16.25 -11.18
CA LEU A 111 14.68 15.53 -10.76
C LEU A 111 14.45 14.66 -9.54
N ARG A 112 13.86 15.24 -8.50
CA ARG A 112 13.69 14.51 -7.26
C ARG A 112 12.71 13.36 -7.47
N LEU A 113 11.71 13.58 -8.30
CA LEU A 113 10.77 12.52 -8.67
C LEU A 113 11.49 11.36 -9.38
N TYR A 114 12.32 11.71 -10.35
CA TYR A 114 12.96 10.69 -11.16
C TYR A 114 13.99 9.91 -10.32
N VAL A 115 14.63 10.58 -9.37
CA VAL A 115 15.41 9.86 -8.37
C VAL A 115 14.57 8.86 -7.54
N ASP A 116 13.42 9.31 -7.04
CA ASP A 116 12.48 8.45 -6.31
C ASP A 116 12.06 7.23 -7.16
N MET A 117 11.68 7.48 -8.41
CA MET A 117 11.34 6.39 -9.34
C MET A 117 12.50 5.40 -9.52
N LEU A 118 13.70 5.91 -9.78
CA LEU A 118 14.88 5.03 -9.92
C LEU A 118 15.05 4.18 -8.68
N GLU A 119 14.95 4.79 -7.49
CA GLU A 119 15.13 4.07 -6.25
C GLU A 119 14.04 2.96 -6.03
N ALA A 120 12.89 3.11 -6.69
CA ALA A 120 11.81 2.14 -6.65
C ALA A 120 11.95 1.06 -7.74
N GLY A 121 12.91 1.20 -8.66
CA GLY A 121 13.20 0.17 -9.65
C GLY A 121 12.59 0.48 -11.01
N PHE A 122 12.09 1.71 -11.21
CA PHE A 122 11.62 2.17 -12.55
C PHE A 122 12.82 2.73 -13.30
N THR A 123 13.06 2.25 -14.51
CA THR A 123 14.23 2.64 -15.33
C THR A 123 13.91 3.55 -16.53
N ARG A 124 12.63 3.79 -16.78
CA ARG A 124 12.19 4.70 -17.83
C ARG A 124 10.88 5.35 -17.39
N VAL A 125 10.70 6.63 -17.74
CA VAL A 125 9.49 7.32 -17.42
C VAL A 125 8.82 7.83 -18.69
N GLY A 126 7.50 7.66 -18.72
CA GLY A 126 6.64 8.18 -19.75
C GLY A 126 6.08 9.46 -19.19
N GLU A 127 6.73 10.58 -19.51
CA GLU A 127 6.30 11.87 -18.99
C GLU A 127 5.21 12.49 -19.91
N PHE A 128 3.99 12.49 -19.40
CA PHE A 128 2.78 12.92 -20.09
C PHE A 128 2.70 14.37 -19.72
N HIS A 129 3.29 15.17 -20.59
CA HIS A 129 3.75 16.51 -20.23
C HIS A 129 2.85 17.59 -20.75
N TYR A 130 2.11 18.27 -19.86
CA TYR A 130 1.20 19.35 -20.31
C TYR A 130 1.44 20.74 -19.73
N LEU A 131 2.50 20.89 -18.94
CA LEU A 131 2.79 22.16 -18.34
C LEU A 131 3.74 22.88 -19.29
N HIS A 132 3.19 23.57 -20.29
CA HIS A 132 4.00 24.11 -21.40
C HIS A 132 4.46 25.55 -21.26
N HIS A 133 3.51 26.46 -21.05
CA HIS A 133 3.77 27.88 -21.24
C HIS A 133 4.00 28.61 -19.92
N ASP A 134 4.29 29.91 -19.98
CA ASP A 134 4.58 30.66 -18.75
C ASP A 134 3.33 30.81 -17.87
N CYS A 135 3.50 31.45 -16.71
CA CYS A 135 2.39 31.56 -15.74
C CYS A 135 1.15 32.30 -16.27
N ASP A 136 1.36 33.21 -17.21
CA ASP A 136 0.24 33.98 -17.78
CA ASP A 136 0.24 33.95 -17.79
C ASP A 136 -0.29 33.32 -19.06
N GLY A 137 0.25 32.16 -19.42
CA GLY A 137 -0.21 31.46 -20.59
C GLY A 137 0.44 31.91 -21.88
N THR A 138 1.51 32.68 -21.79
CA THR A 138 2.27 33.10 -22.96
C THR A 138 3.43 32.11 -23.18
N PRO A 139 3.69 31.74 -24.44
CA PRO A 139 4.83 30.83 -24.68
C PRO A 139 6.18 31.41 -24.20
N TYR A 140 7.09 30.52 -23.80
CA TYR A 140 8.45 30.93 -23.44
C TYR A 140 9.24 31.26 -24.69
N ALA A 141 10.30 32.04 -24.53
CA ALA A 141 11.15 32.41 -25.66
C ALA A 141 11.62 31.14 -26.38
N ASN A 142 11.95 30.12 -25.59
CA ASN A 142 12.17 28.77 -26.11
CA ASN A 142 12.18 28.81 -26.11
C ASN A 142 10.87 28.02 -25.97
N LEU A 143 10.21 27.73 -27.08
CA LEU A 143 8.84 27.19 -27.02
C LEU A 143 8.72 25.91 -26.16
N SER A 144 9.71 25.05 -26.26
CA SER A 144 9.71 23.80 -25.53
C SER A 144 10.41 23.87 -24.15
N GLU A 145 10.67 25.08 -23.66
CA GLU A 145 11.32 25.29 -22.34
C GLU A 145 10.99 24.24 -21.28
N MET A 146 9.71 24.01 -21.01
CA MET A 146 9.34 23.14 -19.90
C MET A 146 9.69 21.69 -20.21
N ALA A 147 9.53 21.29 -21.47
CA ALA A 147 9.92 19.94 -21.91
C ALA A 147 11.46 19.78 -21.83
N ASP A 148 12.20 20.86 -22.13
CA ASP A 148 13.64 20.85 -22.00
C ASP A 148 14.05 20.63 -20.53
N ARG A 149 13.27 21.16 -19.60
CA ARG A 149 13.56 20.96 -18.16
C ARG A 149 13.35 19.48 -17.77
N ILE A 150 12.31 18.85 -18.32
CA ILE A 150 12.04 17.40 -18.11
C ILE A 150 13.24 16.62 -18.61
N ALA A 151 13.67 16.92 -19.83
CA ALA A 151 14.82 16.22 -20.41
C ALA A 151 16.08 16.43 -19.57
N ALA A 152 16.30 17.66 -19.11
CA ALA A 152 17.45 17.97 -18.26
C ALA A 152 17.39 17.19 -16.94
N ALA A 153 16.21 17.13 -16.32
CA ALA A 153 16.05 16.40 -15.06
C ALA A 153 16.32 14.91 -15.32
N ALA A 154 15.71 14.36 -16.36
CA ALA A 154 15.93 12.94 -16.66
C ALA A 154 17.43 12.63 -16.91
N THR A 155 18.12 13.53 -17.62
CA THR A 155 19.55 13.39 -17.90
C THR A 155 20.37 13.40 -16.59
N THR A 156 20.07 14.36 -15.72
CA THR A 156 20.80 14.47 -14.46
C THR A 156 20.56 13.20 -13.62
N ALA A 157 19.32 12.70 -13.61
CA ALA A 157 19.03 11.45 -12.84
C ALA A 157 19.61 10.18 -13.46
N GLY A 158 19.81 10.18 -14.80
CA GLY A 158 20.14 8.99 -15.55
C GLY A 158 18.91 8.14 -15.80
N MET A 159 17.73 8.75 -15.72
CA MET A 159 16.47 8.10 -16.00
C MET A 159 16.18 8.05 -17.54
N GLY A 160 15.71 6.91 -18.05
CA GLY A 160 15.28 6.78 -19.43
C GLY A 160 14.01 7.60 -19.63
N LEU A 161 13.83 8.19 -20.80
CA LEU A 161 12.72 9.11 -21.04
C LEU A 161 12.01 8.80 -22.36
N THR A 162 10.72 8.51 -22.25
CA THR A 162 9.81 8.62 -23.35
C THR A 162 8.96 9.85 -23.08
N LEU A 163 9.24 10.90 -23.83
CA LEU A 163 8.62 12.18 -23.60
C LEU A 163 7.38 12.25 -24.46
N LEU A 164 6.25 12.61 -23.84
CA LEU A 164 4.96 12.63 -24.50
C LEU A 164 4.30 14.00 -24.29
N PRO A 165 4.73 15.01 -25.06
CA PRO A 165 4.11 16.31 -24.94
C PRO A 165 2.63 16.24 -25.25
N VAL A 166 1.84 16.93 -24.44
CA VAL A 166 0.39 16.81 -24.48
C VAL A 166 -0.28 17.87 -25.34
N PHE A 167 -1.17 17.41 -26.19
CA PHE A 167 -2.03 18.31 -26.96
C PHE A 167 -3.33 18.54 -26.22
N TYR A 168 -3.62 19.79 -25.95
CA TYR A 168 -4.77 20.20 -25.16
C TYR A 168 -5.26 21.52 -25.76
N ALA A 169 -6.53 21.60 -26.14
CA ALA A 169 -7.06 22.81 -26.78
C ALA A 169 -8.46 23.24 -26.31
N HIS A 170 -9.17 22.41 -25.53
CA HIS A 170 -10.57 22.66 -25.17
C HIS A 170 -10.90 22.22 -23.76
N SER A 171 -11.89 22.88 -23.19
CA SER A 171 -12.33 22.61 -21.82
C SER A 171 -13.58 21.77 -21.79
N GLY A 172 -14.06 21.29 -22.94
CA GLY A 172 -15.31 20.52 -22.96
C GLY A 172 -15.52 19.90 -24.32
N PHE A 173 -16.21 18.77 -24.30
CA PHE A 173 -16.55 18.03 -25.49
C PHE A 173 -17.18 18.97 -26.55
N GLY A 174 -16.93 18.68 -27.83
CA GLY A 174 -17.46 19.47 -28.94
C GLY A 174 -16.69 20.76 -29.19
N GLY A 175 -15.49 20.87 -28.66
CA GLY A 175 -14.65 22.03 -28.95
C GLY A 175 -14.96 23.29 -28.16
N ALA A 176 -15.49 23.14 -26.95
CA ALA A 176 -15.65 24.29 -26.02
C ALA A 176 -14.31 25.01 -25.78
N ALA A 177 -14.34 26.34 -25.69
CA ALA A 177 -13.11 27.12 -25.45
C ALA A 177 -12.37 26.67 -24.21
N ALA A 178 -11.06 26.73 -24.25
CA ALA A 178 -10.27 26.43 -23.08
C ALA A 178 -10.54 27.53 -22.04
N ASN A 179 -10.63 27.15 -20.77
CA ASN A 179 -10.82 28.16 -19.75
C ASN A 179 -9.45 28.69 -19.29
N GLU A 180 -9.50 29.78 -18.52
CA GLU A 180 -8.32 30.52 -18.06
C GLU A 180 -7.40 29.65 -17.20
N GLY A 181 -7.99 28.74 -16.42
CA GLY A 181 -7.22 27.83 -15.58
C GLY A 181 -6.33 26.87 -16.39
N GLN A 182 -6.70 26.63 -17.65
CA GLN A 182 -5.96 25.75 -18.57
C GLN A 182 -4.90 26.48 -19.44
N ARG A 183 -4.71 27.77 -19.18
CA ARG A 183 -3.90 28.62 -20.05
C ARG A 183 -2.45 28.15 -20.28
N ARG A 184 -1.84 27.44 -19.35
CA ARG A 184 -0.43 27.00 -19.58
C ARG A 184 -0.35 25.72 -20.38
N PHE A 185 -1.50 25.11 -20.66
CA PHE A 185 -1.55 23.77 -21.25
C PHE A 185 -1.84 23.79 -22.72
N ILE A 186 -2.32 24.91 -23.21
CA ILE A 186 -2.99 24.91 -24.49
C ILE A 186 -2.12 25.22 -25.69
N ASN A 187 -2.44 24.57 -26.80
CA ASN A 187 -1.85 24.84 -28.09
C ASN A 187 -2.84 24.56 -29.20
N ASP A 188 -2.66 25.19 -30.35
CA ASP A 188 -3.34 24.69 -31.56
C ASP A 188 -2.40 23.69 -32.23
N PRO A 189 -2.91 22.93 -33.20
CA PRO A 189 -2.04 21.90 -33.80
C PRO A 189 -0.74 22.43 -34.39
N GLU A 190 -0.79 23.63 -34.94
CA GLU A 190 0.39 24.21 -35.55
C GLU A 190 1.42 24.54 -34.50
N ARG A 191 1.01 25.24 -33.44
CA ARG A 191 1.99 25.55 -32.37
C ARG A 191 2.45 24.27 -31.66
N PHE A 192 1.56 23.29 -31.54
CA PHE A 192 1.91 21.98 -30.96
C PHE A 192 2.98 21.27 -31.77
N ALA A 193 2.85 21.27 -33.10
CA ALA A 193 3.86 20.69 -33.99
C ALA A 193 5.21 21.39 -33.80
N ARG A 194 5.21 22.71 -33.71
CA ARG A 194 6.46 23.45 -33.45
C ARG A 194 7.06 23.06 -32.08
N LEU A 195 6.23 22.82 -31.09
CA LEU A 195 6.73 22.44 -29.78
C LEU A 195 7.37 21.04 -29.86
N ILE A 196 6.70 20.12 -30.52
CA ILE A 196 7.24 18.80 -30.76
C ILE A 196 8.61 18.91 -31.45
N GLU A 197 8.73 19.80 -32.44
CA GLU A 197 9.99 20.01 -33.11
C GLU A 197 11.10 20.49 -32.13
N GLY A 198 10.78 21.42 -31.24
CA GLY A 198 11.71 21.83 -30.18
C GLY A 198 12.13 20.64 -29.33
N CYS A 199 11.17 19.78 -28.98
CA CYS A 199 11.50 18.59 -28.18
C CYS A 199 12.43 17.64 -28.92
N ARG A 200 12.17 17.43 -30.21
CA ARG A 200 13.04 16.56 -30.99
C ARG A 200 14.50 17.06 -30.96
N LYS A 201 14.70 18.35 -31.19
CA LYS A 201 16.06 18.90 -31.13
C LYS A 201 16.71 18.71 -29.76
N THR A 202 15.96 18.99 -28.70
CA THR A 202 16.47 18.82 -27.34
C THR A 202 16.88 17.39 -27.04
N LEU A 203 16.12 16.41 -27.53
CA LEU A 203 16.39 15.00 -27.28
C LEU A 203 17.49 14.41 -28.18
N GLU A 204 18.03 15.20 -29.09
CA GLU A 204 19.20 14.73 -29.85
C GLU A 204 20.34 14.46 -28.91
N GLY A 205 20.96 13.29 -29.01
CA GLY A 205 22.00 12.93 -28.02
C GLY A 205 21.49 12.47 -26.66
N PHE A 206 20.18 12.45 -26.46
CA PHE A 206 19.62 11.78 -25.28
C PHE A 206 19.52 10.29 -25.66
N GLU A 207 20.53 9.50 -25.32
CA GLU A 207 20.53 8.07 -25.61
C GLU A 207 19.29 7.30 -25.13
N GLY A 208 18.67 6.54 -26.02
CA GLY A 208 17.46 5.80 -25.75
C GLY A 208 16.14 6.56 -25.63
N ALA A 209 16.16 7.88 -25.81
CA ALA A 209 14.98 8.68 -25.67
C ALA A 209 13.97 8.34 -26.78
N VAL A 210 12.70 8.45 -26.43
CA VAL A 210 11.63 8.32 -27.39
C VAL A 210 10.75 9.54 -27.28
N LEU A 211 10.25 10.04 -28.42
CA LEU A 211 9.36 11.19 -28.44
C LEU A 211 8.04 10.78 -29.09
N GLY A 212 6.97 10.83 -28.32
CA GLY A 212 5.61 10.57 -28.87
C GLY A 212 4.73 11.78 -28.71
N VAL A 213 3.41 11.56 -28.81
CA VAL A 213 2.44 12.64 -28.60
C VAL A 213 1.34 12.16 -27.65
N ALA A 214 0.73 13.10 -26.93
CA ALA A 214 -0.27 12.78 -25.93
C ALA A 214 -1.48 13.73 -26.07
N PRO A 215 -2.42 13.43 -26.98
CA PRO A 215 -3.72 14.08 -26.86
C PRO A 215 -4.27 13.90 -25.47
N HIS A 216 -4.64 14.99 -24.82
CA HIS A 216 -4.93 14.89 -23.41
C HIS A 216 -6.04 13.91 -23.09
N SER A 217 -7.17 14.10 -23.76
CA SER A 217 -8.38 13.36 -23.54
C SER A 217 -9.35 13.73 -24.63
N LEU A 218 -10.43 12.98 -24.71
CA LEU A 218 -11.44 13.29 -25.71
C LEU A 218 -12.17 14.60 -25.41
N ARG A 219 -12.25 14.97 -24.13
CA ARG A 219 -12.82 16.26 -23.73
C ARG A 219 -11.98 17.48 -24.21
N ALA A 220 -10.67 17.29 -24.29
CA ALA A 220 -9.73 18.39 -24.50
C ALA A 220 -9.32 18.57 -25.95
N VAL A 221 -9.74 17.66 -26.82
CA VAL A 221 -9.36 17.65 -28.23
C VAL A 221 -10.62 17.41 -29.08
N THR A 222 -10.69 17.99 -30.27
CA THR A 222 -11.70 17.62 -31.27
C THR A 222 -11.21 16.50 -32.17
N PRO A 223 -12.15 15.86 -32.92
CA PRO A 223 -11.74 14.77 -33.80
C PRO A 223 -10.72 15.16 -34.85
N ASP A 224 -10.89 16.34 -35.44
CA ASP A 224 -9.93 16.83 -36.44
C ASP A 224 -8.55 17.07 -35.82
N GLU A 225 -8.51 17.62 -34.62
CA GLU A 225 -7.23 17.88 -33.95
C GLU A 225 -6.56 16.54 -33.62
N LEU A 226 -7.35 15.56 -33.22
CA LEU A 226 -6.86 14.26 -32.88
C LEU A 226 -6.20 13.62 -34.10
N ASP A 227 -6.84 13.73 -35.26
CA ASP A 227 -6.23 13.24 -36.52
C ASP A 227 -4.88 13.87 -36.80
N SER A 228 -4.81 15.20 -36.72
CA SER A 228 -3.53 15.90 -36.95
C SER A 228 -2.43 15.53 -36.00
N VAL A 229 -2.73 15.52 -34.70
CA VAL A 229 -1.68 15.29 -33.72
C VAL A 229 -1.12 13.88 -33.82
N THR A 230 -2.00 12.89 -34.08
CA THR A 230 -1.60 11.50 -34.11
C THR A 230 -0.97 11.09 -35.45
N GLN A 231 -0.88 12.02 -36.38
CA GLN A 231 -0.17 11.81 -37.64
C GLN A 231 1.22 12.43 -37.63
N LEU A 232 1.56 13.21 -36.61
CA LEU A 232 2.84 13.94 -36.63
C LEU A 232 4.05 13.01 -36.63
N LEU A 233 4.01 11.98 -35.80
CA LEU A 233 5.09 11.04 -35.62
C LEU A 233 4.45 9.66 -35.69
N PRO A 234 4.13 9.20 -36.92
CA PRO A 234 3.35 7.97 -37.09
C PRO A 234 3.99 6.72 -36.58
N ASP A 235 5.29 6.71 -36.38
CA ASP A 235 5.94 5.50 -35.89
C ASP A 235 6.26 5.57 -34.38
N ALA A 236 5.78 6.59 -33.69
CA ALA A 236 6.06 6.78 -32.30
C ALA A 236 4.79 6.66 -31.49
N PRO A 237 4.90 6.53 -30.15
CA PRO A 237 3.70 6.30 -29.35
C PRO A 237 2.66 7.40 -29.36
N VAL A 238 1.40 6.99 -29.13
CA VAL A 238 0.31 7.91 -28.84
C VAL A 238 -0.33 7.51 -27.49
N HIS A 239 -0.41 8.44 -26.56
CA HIS A 239 -1.03 8.22 -25.26
C HIS A 239 -2.18 9.19 -25.09
N ILE A 240 -3.24 8.74 -24.42
CA ILE A 240 -4.45 9.54 -24.22
C ILE A 240 -5.20 9.07 -22.97
N HIS A 241 -5.68 10.01 -22.13
CA HIS A 241 -6.51 9.63 -20.99
C HIS A 241 -7.85 9.24 -21.52
N VAL A 242 -8.40 8.09 -21.12
CA VAL A 242 -9.77 7.74 -21.48
C VAL A 242 -10.53 7.02 -20.39
N ALA A 243 -11.75 7.46 -20.17
CA ALA A 243 -12.72 6.77 -19.35
C ALA A 243 -12.26 6.59 -17.90
N GLU A 244 -11.55 7.57 -17.38
CA GLU A 244 -11.03 7.50 -16.03
C GLU A 244 -12.13 7.64 -14.98
N GLN A 245 -13.03 8.60 -15.20
CA GLN A 245 -14.09 8.94 -14.22
C GLN A 245 -15.46 8.73 -14.86
N VAL A 246 -16.43 8.35 -14.03
CA VAL A 246 -17.81 8.18 -14.50
C VAL A 246 -18.32 9.49 -15.13
N LYS A 247 -17.95 10.65 -14.57
CA LYS A 247 -18.44 11.94 -15.11
C LYS A 247 -17.94 12.20 -16.53
N GLU A 248 -16.68 11.90 -16.85
CA GLU A 248 -16.18 11.96 -18.26
C GLU A 248 -16.94 11.03 -19.16
N VAL A 249 -17.20 9.82 -18.67
CA VAL A 249 -17.93 8.84 -19.46
C VAL A 249 -19.34 9.37 -19.78
N GLU A 250 -20.04 9.90 -18.77
CA GLU A 250 -21.38 10.47 -18.96
CA GLU A 250 -21.38 10.50 -18.93
C GLU A 250 -21.34 11.68 -19.93
N ASP A 251 -20.37 12.59 -19.77
CA ASP A 251 -20.22 13.74 -20.65
C ASP A 251 -19.87 13.30 -22.08
N CYS A 252 -19.06 12.25 -22.21
CA CYS A 252 -18.74 11.71 -23.56
C CYS A 252 -19.99 11.16 -24.20
N ILE A 253 -20.78 10.43 -23.42
CA ILE A 253 -22.06 9.90 -23.93
C ILE A 253 -22.97 11.07 -24.35
N ALA A 254 -23.02 12.12 -23.54
CA ALA A 254 -23.90 13.30 -23.84
C ALA A 254 -23.49 13.95 -25.17
N TRP A 255 -22.21 13.93 -25.43
CA TRP A 255 -21.67 14.51 -26.67
C TRP A 255 -21.82 13.64 -27.89
N SER A 256 -21.55 12.35 -27.77
CA SER A 256 -21.46 11.45 -28.96
C SER A 256 -22.44 10.28 -28.98
N GLY A 257 -23.07 9.99 -27.83
CA GLY A 257 -23.86 8.77 -27.67
C GLY A 257 -23.00 7.55 -27.34
N LYS A 258 -21.68 7.77 -27.14
CA LYS A 258 -20.71 6.68 -26.91
C LYS A 258 -19.82 6.96 -25.73
N ARG A 259 -19.29 5.89 -25.13
CA ARG A 259 -18.29 6.02 -24.08
C ARG A 259 -16.93 6.30 -24.73
N PRO A 260 -15.98 6.77 -23.93
CA PRO A 260 -14.70 7.17 -24.53
C PRO A 260 -13.92 6.06 -25.28
N VAL A 261 -13.76 4.86 -24.73
CA VAL A 261 -12.92 3.86 -25.43
C VAL A 261 -13.61 3.37 -26.71
N GLU A 262 -14.89 2.97 -26.62
CA GLU A 262 -15.64 2.59 -27.83
C GLU A 262 -15.60 3.69 -28.86
N TRP A 263 -15.71 4.96 -28.44
CA TRP A 263 -15.65 6.03 -29.43
C TRP A 263 -14.29 6.03 -30.13
N LEU A 264 -13.23 5.96 -29.33
CA LEU A 264 -11.88 6.00 -29.86
C LEU A 264 -11.62 4.84 -30.82
N LEU A 265 -12.02 3.62 -30.43
CA LEU A 265 -11.77 2.45 -31.27
C LEU A 265 -12.52 2.58 -32.61
N ASP A 266 -13.69 3.23 -32.60
CA ASP A 266 -14.47 3.42 -33.84
C ASP A 266 -13.94 4.52 -34.76
N HIS A 267 -13.20 5.49 -34.23
CA HIS A 267 -12.78 6.65 -35.03
C HIS A 267 -11.32 6.77 -35.29
N GLN A 268 -10.50 5.92 -34.69
CA GLN A 268 -9.08 5.91 -34.95
C GLN A 268 -8.66 4.48 -35.16
N ASP A 269 -7.58 4.29 -35.93
CA ASP A 269 -6.98 2.99 -36.11
C ASP A 269 -6.10 2.69 -34.88
N VAL A 270 -6.74 2.22 -33.81
CA VAL A 270 -6.03 1.99 -32.57
C VAL A 270 -5.24 0.71 -32.72
N THR A 271 -3.98 0.75 -32.31
CA THR A 271 -3.10 -0.42 -32.31
C THR A 271 -2.20 -0.37 -31.08
N ALA A 272 -1.19 -1.25 -31.02
CA ALA A 272 -0.16 -1.27 -29.97
C ALA A 272 0.70 0.01 -29.92
N ARG A 273 0.53 0.89 -30.91
CA ARG A 273 1.14 2.21 -30.88
C ARG A 273 0.48 3.09 -29.81
N TRP A 274 -0.78 2.76 -29.47
CA TRP A 274 -1.58 3.53 -28.55
C TRP A 274 -1.51 2.97 -27.16
N CYS A 275 -1.44 3.88 -26.20
CA CYS A 275 -1.58 3.54 -24.79
C CYS A 275 -2.75 4.36 -24.22
N LEU A 276 -3.77 3.66 -23.77
CA LEU A 276 -4.98 4.31 -23.27
C LEU A 276 -4.86 4.31 -21.76
N ILE A 277 -4.73 5.50 -21.21
CA ILE A 277 -4.48 5.68 -19.79
C ILE A 277 -5.78 5.51 -18.99
N HIS A 278 -5.71 4.72 -17.92
CA HIS A 278 -6.83 4.34 -17.07
C HIS A 278 -7.78 3.34 -17.70
N ALA A 279 -8.60 3.78 -18.67
CA ALA A 279 -9.57 2.89 -19.33
C ALA A 279 -10.40 2.19 -18.27
N THR A 280 -10.76 2.94 -17.24
CA THR A 280 -11.32 2.37 -16.05
C THR A 280 -12.79 1.97 -16.20
N HIS A 281 -13.55 2.69 -17.03
CA HIS A 281 -14.98 2.41 -17.18
C HIS A 281 -15.27 1.97 -18.57
N MET A 282 -15.37 0.64 -18.71
CA MET A 282 -15.65 -0.01 -19.99
C MET A 282 -16.62 -1.16 -19.81
N SER A 283 -17.48 -1.39 -20.80
CA SER A 283 -18.25 -2.64 -20.85
C SER A 283 -17.28 -3.80 -21.14
N ASP A 284 -17.78 -5.02 -20.99
CA ASP A 284 -16.99 -6.22 -21.32
C ASP A 284 -16.64 -6.24 -22.83
N GLU A 285 -17.57 -5.83 -23.68
CA GLU A 285 -17.31 -5.76 -25.15
C GLU A 285 -16.26 -4.71 -25.52
N GLU A 286 -16.33 -3.50 -24.93
CA GLU A 286 -15.23 -2.51 -25.13
C GLU A 286 -13.87 -3.06 -24.71
N THR A 287 -13.87 -3.75 -23.58
CA THR A 287 -12.62 -4.25 -23.00
C THR A 287 -11.96 -5.23 -23.98
N LYS A 288 -12.76 -6.16 -24.49
CA LYS A 288 -12.29 -7.14 -25.48
C LYS A 288 -11.83 -6.47 -26.78
N HIS A 289 -12.58 -5.47 -27.25
CA HIS A 289 -12.20 -4.74 -28.48
C HIS A 289 -10.92 -3.98 -28.29
N MET A 290 -10.73 -3.40 -27.10
CA MET A 290 -9.47 -2.73 -26.82
C MET A 290 -8.31 -3.72 -26.87
N ALA A 291 -8.45 -4.83 -26.16
CA ALA A 291 -7.40 -5.88 -26.16
C ALA A 291 -7.13 -6.39 -27.58
N LYS A 292 -8.19 -6.59 -28.35
CA LYS A 292 -8.05 -7.18 -29.68
C LYS A 292 -7.36 -6.20 -30.61
N ALA A 293 -7.63 -4.91 -30.43
CA ALA A 293 -6.91 -3.86 -31.15
C ALA A 293 -5.42 -3.82 -30.83
N GLY A 294 -5.04 -4.26 -29.62
CA GLY A 294 -3.63 -4.26 -29.19
C GLY A 294 -3.16 -3.01 -28.44
N ALA A 295 -4.09 -2.09 -28.14
CA ALA A 295 -3.76 -0.92 -27.33
C ALA A 295 -3.28 -1.36 -25.94
N ILE A 296 -2.30 -0.66 -25.39
CA ILE A 296 -1.80 -0.99 -24.05
C ILE A 296 -2.61 -0.21 -23.03
N ALA A 297 -3.08 -0.89 -21.99
CA ALA A 297 -3.74 -0.25 -20.84
C ALA A 297 -2.70 0.42 -19.96
N GLY A 298 -2.74 1.73 -19.86
CA GLY A 298 -1.83 2.48 -19.01
C GLY A 298 -2.49 2.59 -17.65
N LEU A 299 -2.26 1.59 -16.83
CA LEU A 299 -2.91 1.51 -15.52
C LEU A 299 -2.16 2.30 -14.47
N CYS A 300 -2.93 3.04 -13.66
CA CYS A 300 -2.34 3.87 -12.61
C CYS A 300 -3.05 3.56 -11.28
N PRO A 301 -2.80 2.36 -10.75
CA PRO A 301 -3.68 1.89 -9.67
C PRO A 301 -3.68 2.74 -8.38
N VAL A 302 -2.51 3.19 -7.93
CA VAL A 302 -2.45 4.01 -6.74
C VAL A 302 -3.19 5.34 -6.94
N THR A 303 -2.95 6.01 -8.05
CA THR A 303 -3.60 7.27 -8.32
C THR A 303 -5.10 7.05 -8.48
N GLU A 304 -5.49 5.98 -9.14
CA GLU A 304 -6.92 5.68 -9.35
C GLU A 304 -7.65 5.47 -8.01
N ALA A 305 -6.98 4.82 -7.08
CA ALA A 305 -7.52 4.65 -5.74
C ALA A 305 -7.57 6.00 -5.00
N ASN A 306 -6.47 6.76 -5.05
CA ASN A 306 -6.41 8.07 -4.37
C ASN A 306 -7.50 9.02 -4.91
N LEU A 307 -7.83 8.88 -6.19
CA LEU A 307 -8.86 9.72 -6.79
C LEU A 307 -10.29 9.11 -6.76
N GLY A 308 -10.44 7.89 -6.24
CA GLY A 308 -11.74 7.20 -6.27
C GLY A 308 -12.29 6.95 -7.68
N ASP A 309 -11.38 6.71 -8.65
CA ASP A 309 -11.80 6.61 -10.06
C ASP A 309 -12.66 5.38 -10.31
N GLY A 310 -12.20 4.23 -9.84
CA GLY A 310 -12.90 2.97 -10.09
C GLY A 310 -11.91 1.82 -10.24
N THR A 311 -12.43 0.67 -10.67
CA THR A 311 -11.67 -0.57 -10.76
C THR A 311 -11.57 -1.05 -12.23
N PHE A 312 -10.35 -1.33 -12.69
CA PHE A 312 -10.14 -1.79 -14.08
C PHE A 312 -10.64 -3.20 -14.33
N ASN A 313 -11.10 -3.45 -15.58
CA ASN A 313 -11.71 -4.73 -15.94
C ASN A 313 -10.57 -5.71 -16.30
N ALA A 314 -9.75 -6.01 -15.28
CA ALA A 314 -8.44 -6.65 -15.48
C ALA A 314 -8.50 -8.11 -16.00
N THR A 315 -9.39 -8.92 -15.46
CA THR A 315 -9.46 -10.33 -15.86
C THR A 315 -9.95 -10.48 -17.29
N GLU A 316 -11.02 -9.75 -17.62
CA GLU A 316 -11.52 -9.69 -19.00
C GLU A 316 -10.46 -9.19 -19.96
N PHE A 317 -9.79 -8.10 -19.59
CA PHE A 317 -8.77 -7.57 -20.45
C PHE A 317 -7.65 -8.59 -20.71
N ALA A 318 -7.15 -9.21 -19.65
CA ALA A 318 -6.07 -10.19 -19.77
C ALA A 318 -6.53 -11.44 -20.57
N ALA A 319 -7.73 -11.93 -20.31
CA ALA A 319 -8.23 -13.11 -21.04
C ALA A 319 -8.34 -12.82 -22.54
N ALA A 320 -8.53 -11.57 -22.92
CA ALA A 320 -8.63 -11.22 -24.34
C ALA A 320 -7.25 -10.94 -24.96
N GLY A 321 -6.19 -11.19 -24.20
CA GLY A 321 -4.81 -10.94 -24.66
C GLY A 321 -4.35 -9.49 -24.51
N GLY A 322 -5.05 -8.71 -23.69
CA GLY A 322 -4.67 -7.31 -23.48
C GLY A 322 -3.38 -7.21 -22.69
N LYS A 323 -2.60 -6.19 -22.97
CA LYS A 323 -1.34 -5.95 -22.27
C LYS A 323 -1.42 -4.61 -21.57
N PHE A 324 -0.68 -4.49 -20.47
CA PHE A 324 -0.72 -3.31 -19.64
C PHE A 324 0.67 -2.91 -19.14
N GLY A 325 0.76 -1.66 -18.68
CA GLY A 325 1.84 -1.20 -17.84
C GLY A 325 1.32 -0.36 -16.66
N ILE A 326 2.24 0.08 -15.81
CA ILE A 326 1.89 0.89 -14.66
C ILE A 326 2.54 2.25 -14.71
N GLY A 327 1.79 3.26 -14.25
CA GLY A 327 2.31 4.60 -14.07
C GLY A 327 1.94 5.24 -12.75
N SER A 328 2.87 5.98 -12.17
CA SER A 328 2.65 6.68 -10.90
C SER A 328 1.69 7.89 -11.02
N ASP A 329 1.59 8.47 -12.24
CA ASP A 329 0.52 9.38 -12.63
C ASP A 329 0.55 10.67 -11.82
N SER A 330 -0.22 10.72 -10.71
CA SER A 330 -0.20 11.88 -9.81
C SER A 330 1.07 11.96 -9.00
N ASN A 331 1.77 10.84 -8.94
CA ASN A 331 3.07 10.75 -8.24
C ASN A 331 2.91 10.97 -6.73
N VAL A 332 1.74 10.62 -6.22
CA VAL A 332 1.46 10.77 -4.79
C VAL A 332 2.29 9.77 -3.94
N LEU A 333 2.49 8.57 -4.48
CA LEU A 333 3.30 7.54 -3.80
C LEU A 333 3.96 6.69 -4.87
N ILE A 334 5.29 6.52 -4.75
CA ILE A 334 6.09 5.93 -5.78
C ILE A 334 6.52 4.51 -5.38
N GLY A 335 6.07 3.49 -6.10
CA GLY A 335 6.49 2.12 -5.78
C GLY A 335 5.91 1.09 -6.75
N ILE A 336 6.76 0.16 -7.19
CA ILE A 336 6.31 -0.94 -8.04
C ILE A 336 5.42 -1.85 -7.23
N GLY A 337 5.83 -2.18 -6.02
CA GLY A 337 5.00 -3.04 -5.15
C GLY A 337 3.66 -2.41 -4.87
N ASP A 338 3.70 -1.11 -4.57
CA ASP A 338 2.48 -0.37 -4.27
C ASP A 338 1.49 -0.43 -5.38
N GLU A 339 1.95 -0.21 -6.63
CA GLU A 339 1.05 -0.22 -7.78
C GLU A 339 0.50 -1.63 -8.10
N LEU A 340 1.39 -2.64 -8.11
CA LEU A 340 0.97 -3.97 -8.52
C LEU A 340 0.08 -4.58 -7.45
N ARG A 341 0.43 -4.36 -6.18
CA ARG A 341 -0.41 -4.80 -5.10
C ARG A 341 -1.81 -4.17 -5.18
N GLN A 342 -1.85 -2.86 -5.36
CA GLN A 342 -3.15 -2.17 -5.46
C GLN A 342 -3.99 -2.70 -6.65
N LEU A 343 -3.37 -2.94 -7.79
CA LEU A 343 -4.06 -3.52 -8.92
C LEU A 343 -4.70 -4.85 -8.50
N GLU A 344 -3.92 -5.76 -7.96
CA GLU A 344 -4.42 -7.09 -7.59
C GLU A 344 -5.48 -6.95 -6.53
N TYR A 345 -5.24 -6.11 -5.53
CA TYR A 345 -6.18 -6.04 -4.42
C TYR A 345 -7.49 -5.40 -4.85
N SER A 346 -7.43 -4.45 -5.80
CA SER A 346 -8.67 -3.87 -6.32
C SER A 346 -9.51 -5.00 -6.93
N GLN A 347 -8.84 -5.96 -7.55
CA GLN A 347 -9.55 -7.07 -8.17
C GLN A 347 -10.11 -8.04 -7.10
N ARG A 348 -9.33 -8.32 -6.06
CA ARG A 348 -9.75 -9.25 -4.99
C ARG A 348 -11.02 -8.77 -4.30
N LEU A 349 -11.08 -7.48 -4.01
CA LEU A 349 -12.25 -6.90 -3.38
C LEU A 349 -13.45 -6.90 -4.33
N TYR A 350 -13.22 -6.58 -5.60
CA TYR A 350 -14.30 -6.50 -6.56
C TYR A 350 -14.89 -7.88 -6.90
N HIS A 351 -14.03 -8.90 -7.01
CA HIS A 351 -14.46 -10.23 -7.39
C HIS A 351 -14.58 -11.19 -6.22
N ARG A 352 -14.28 -10.73 -5.00
CA ARG A 352 -14.34 -11.60 -3.81
C ARG A 352 -13.56 -12.90 -4.05
N ALA A 353 -12.28 -12.76 -4.38
CA ALA A 353 -11.44 -13.90 -4.76
C ALA A 353 -9.98 -13.57 -4.45
N ARG A 354 -9.12 -14.58 -4.52
CA ARG A 354 -7.67 -14.34 -4.39
C ARG A 354 -6.93 -14.77 -5.65
N ASN A 355 -5.71 -14.24 -5.78
CA ASN A 355 -4.83 -14.53 -6.93
C ASN A 355 -5.59 -14.41 -8.25
N VAL A 356 -6.27 -13.27 -8.40
CA VAL A 356 -7.12 -12.98 -9.56
C VAL A 356 -6.31 -12.79 -10.83
N LEU A 357 -5.20 -12.07 -10.72
CA LEU A 357 -4.37 -11.75 -11.91
C LEU A 357 -3.16 -12.69 -12.13
N ALA A 358 -3.08 -13.78 -11.36
CA ALA A 358 -2.16 -14.88 -11.70
C ALA A 358 -2.45 -15.41 -13.13
N ALA A 359 -1.41 -15.94 -13.77
CA ALA A 359 -1.50 -16.55 -15.10
C ALA A 359 -1.30 -18.06 -14.94
N ASN A 360 -2.22 -18.85 -15.47
CA ASN A 360 -2.22 -20.31 -15.29
C ASN A 360 -2.42 -20.57 -13.78
N GLU A 361 -1.64 -21.47 -13.17
CA GLU A 361 -1.73 -21.61 -11.71
C GLU A 361 -0.54 -20.97 -10.97
N GLY A 362 0.06 -19.96 -11.60
CA GLY A 362 1.31 -19.39 -11.13
C GLY A 362 1.20 -18.37 -10.02
N SER A 363 2.33 -17.71 -9.80
CA SER A 363 2.48 -16.64 -8.83
C SER A 363 1.76 -15.38 -9.36
N THR A 364 1.00 -14.72 -8.49
CA THR A 364 0.34 -13.47 -8.87
C THR A 364 1.42 -12.41 -9.08
N GLY A 365 2.40 -12.36 -8.20
CA GLY A 365 3.46 -11.33 -8.33
C GLY A 365 4.26 -11.49 -9.62
N ARG A 366 4.55 -12.73 -9.95
CA ARG A 366 5.22 -13.06 -11.22
C ARG A 366 4.43 -12.55 -12.42
N ALA A 367 3.16 -12.90 -12.49
CA ALA A 367 2.35 -12.53 -13.62
C ALA A 367 2.26 -11.01 -13.75
N LEU A 368 2.06 -10.33 -12.63
CA LEU A 368 1.90 -8.90 -12.64
C LEU A 368 3.19 -8.19 -13.03
N PHE A 369 4.31 -8.66 -12.47
CA PHE A 369 5.60 -8.06 -12.77
C PHE A 369 5.94 -8.27 -14.24
N ASP A 370 5.83 -9.49 -14.75
CA ASP A 370 6.20 -9.78 -16.14
C ASP A 370 5.31 -8.95 -17.05
N GLY A 371 4.03 -8.92 -16.74
CA GLY A 371 3.04 -8.22 -17.56
C GLY A 371 3.34 -6.72 -17.65
N ALA A 372 3.65 -6.11 -16.52
CA ALA A 372 3.83 -4.68 -16.48
C ALA A 372 5.12 -4.26 -17.17
N VAL A 373 6.19 -5.06 -17.04
CA VAL A 373 7.46 -4.82 -17.78
C VAL A 373 7.20 -4.88 -19.31
N LEU A 374 6.52 -5.94 -19.76
CA LEU A 374 6.23 -6.19 -21.16
C LEU A 374 5.35 -5.08 -21.82
N GLY A 375 4.17 -4.83 -21.24
CA GLY A 375 3.26 -3.80 -21.79
C GLY A 375 3.86 -2.41 -21.61
N GLY A 376 4.54 -2.21 -20.48
CA GLY A 376 5.20 -0.95 -20.24
C GLY A 376 6.21 -0.58 -21.33
N ASN A 377 7.09 -1.52 -21.66
CA ASN A 377 8.09 -1.22 -22.68
C ASN A 377 7.49 -0.98 -24.07
N ILE A 378 6.44 -1.72 -24.41
CA ILE A 378 5.71 -1.46 -25.67
C ILE A 378 5.11 -0.03 -25.68
N ALA A 379 4.42 0.35 -24.59
CA ALA A 379 3.80 1.71 -24.47
C ALA A 379 4.86 2.80 -24.55
N MET A 380 6.10 2.48 -24.16
CA MET A 380 7.19 3.46 -24.15
C MET A 380 7.89 3.52 -25.51
N GLY A 381 7.49 2.69 -26.46
CA GLY A 381 8.15 2.64 -27.76
C GLY A 381 9.48 1.94 -27.73
N ARG A 382 9.66 1.03 -26.77
CA ARG A 382 10.90 0.31 -26.57
C ARG A 382 10.63 -1.22 -26.48
N PRO A 383 10.00 -1.80 -27.50
CA PRO A 383 9.72 -3.24 -27.44
C PRO A 383 10.98 -4.11 -27.46
N GLU A 384 12.11 -3.58 -27.91
CA GLU A 384 13.36 -4.30 -27.92
C GLU A 384 13.95 -4.47 -26.52
N ASP A 385 13.34 -3.79 -25.53
CA ASP A 385 13.94 -3.75 -24.20
C ASP A 385 13.48 -4.92 -23.33
N GLY A 386 14.14 -5.09 -22.20
CA GLY A 386 14.01 -6.29 -21.39
C GLY A 386 15.36 -6.92 -21.11
N LEU A 387 15.33 -8.05 -20.43
CA LEU A 387 16.54 -8.84 -20.17
C LEU A 387 16.83 -9.74 -21.36
N LYS A 388 17.24 -9.11 -22.47
CA LYS A 388 17.48 -9.75 -23.75
C LYS A 388 18.73 -9.18 -24.37
N LYS A 389 19.40 -10.00 -25.14
CA LYS A 389 20.47 -9.50 -26.00
C LYS A 389 19.97 -8.37 -26.90
N GLY A 390 20.76 -7.32 -27.00
CA GLY A 390 20.38 -6.12 -27.78
C GLY A 390 19.56 -5.07 -27.07
N ALA A 391 18.99 -5.40 -25.90
CA ALA A 391 18.22 -4.46 -25.11
C ALA A 391 19.13 -3.49 -24.39
N SER A 392 18.57 -2.35 -24.04
CA SER A 392 19.29 -1.44 -23.12
C SER A 392 19.60 -2.19 -21.84
N ALA A 393 20.78 -1.93 -21.25
CA ALA A 393 21.15 -2.56 -19.99
C ALA A 393 20.45 -1.87 -18.81
N ASP A 394 19.16 -2.18 -18.66
CA ASP A 394 18.27 -1.56 -17.69
C ASP A 394 17.74 -2.67 -16.79
N PHE A 395 18.16 -2.69 -15.54
CA PHE A 395 17.72 -3.76 -14.67
C PHE A 395 17.93 -3.41 -13.21
N VAL A 396 17.43 -4.28 -12.34
CA VAL A 396 17.28 -4.02 -10.92
C VAL A 396 17.69 -5.26 -10.13
N SER A 397 18.46 -5.09 -9.07
CA SER A 397 18.71 -6.20 -8.17
C SER A 397 17.89 -6.01 -6.90
N LEU A 398 17.44 -7.12 -6.31
CA LEU A 398 16.61 -7.07 -5.13
C LEU A 398 17.37 -7.52 -3.90
N ASP A 399 17.22 -6.81 -2.80
CA ASP A 399 17.81 -7.23 -1.51
C ASP A 399 16.99 -8.39 -0.98
N VAL A 400 17.60 -9.57 -0.92
CA VAL A 400 16.93 -10.79 -0.47
C VAL A 400 17.52 -11.31 0.84
N GLU A 401 18.01 -10.40 1.66
CA GLU A 401 18.53 -10.76 2.96
C GLU A 401 17.47 -11.49 3.81
N ARG A 402 16.19 -11.12 3.70
CA ARG A 402 15.10 -11.83 4.42
C ARG A 402 14.53 -13.05 3.66
N LEU A 403 15.02 -13.32 2.45
CA LEU A 403 14.57 -14.47 1.62
C LEU A 403 15.80 -15.13 1.01
N PRO A 404 16.78 -15.51 1.84
CA PRO A 404 18.16 -15.69 1.37
C PRO A 404 18.42 -16.75 0.28
N HIS A 405 17.65 -17.83 0.25
CA HIS A 405 17.75 -18.81 -0.86
C HIS A 405 16.44 -19.06 -1.56
N ALA A 406 15.46 -18.18 -1.34
CA ALA A 406 14.14 -18.32 -1.92
C ALA A 406 14.17 -18.28 -3.44
N LYS A 407 13.35 -19.11 -4.05
CA LYS A 407 13.26 -19.09 -5.50
C LYS A 407 12.67 -17.76 -5.96
N GLY A 408 12.97 -17.44 -7.19
CA GLY A 408 12.50 -16.25 -7.86
C GLY A 408 11.08 -15.79 -7.68
N ASP A 409 10.10 -16.62 -8.01
CA ASP A 409 8.73 -16.17 -7.86
C ASP A 409 8.41 -15.79 -6.39
N VAL A 410 8.92 -16.58 -5.46
CA VAL A 410 8.75 -16.33 -4.03
C VAL A 410 9.35 -14.97 -3.70
N VAL A 411 10.47 -14.63 -4.34
CA VAL A 411 11.08 -13.32 -4.11
C VAL A 411 10.16 -12.19 -4.59
N LEU A 412 9.53 -12.37 -5.76
CA LEU A 412 8.61 -11.36 -6.30
C LEU A 412 7.41 -11.18 -5.38
N ASP A 413 6.81 -12.29 -4.95
CA ASP A 413 5.64 -12.21 -4.07
C ASP A 413 6.01 -11.55 -2.74
N GLY A 414 7.23 -11.75 -2.28
CA GLY A 414 7.68 -11.19 -1.02
C GLY A 414 7.86 -9.70 -1.14
N TRP A 415 8.43 -9.32 -2.26
CA TRP A 415 8.63 -7.92 -2.60
C TRP A 415 7.28 -7.22 -2.73
N ILE A 416 6.37 -7.81 -3.47
CA ILE A 416 5.18 -7.09 -3.86
C ILE A 416 4.10 -7.13 -2.78
N PHE A 417 3.96 -8.24 -2.07
CA PHE A 417 2.84 -8.40 -1.15
C PHE A 417 3.20 -8.38 0.33
N ALA A 418 4.43 -8.75 0.67
CA ALA A 418 4.74 -8.98 2.09
C ALA A 418 5.83 -8.05 2.65
N GLY A 419 6.37 -7.12 1.84
CA GLY A 419 7.43 -6.18 2.32
C GLY A 419 8.75 -6.85 2.72
N ARG A 420 9.00 -8.04 2.17
CA ARG A 420 10.13 -8.88 2.58
C ARG A 420 11.40 -8.77 1.70
N ALA A 421 11.32 -7.98 0.65
CA ALA A 421 12.47 -7.70 -0.20
C ALA A 421 12.31 -6.26 -0.66
N HIS A 422 13.41 -5.64 -1.06
CA HIS A 422 13.42 -4.25 -1.53
C HIS A 422 14.45 -4.06 -2.62
N VAL A 423 14.34 -2.98 -3.38
CA VAL A 423 15.29 -2.64 -4.43
C VAL A 423 16.68 -2.39 -3.81
N CYS A 424 17.68 -3.02 -4.41
CA CYS A 424 19.08 -2.81 -4.03
C CYS A 424 19.79 -1.90 -5.05
N ASP A 425 20.27 -2.47 -6.15
CA ASP A 425 20.94 -1.65 -7.17
C ASP A 425 20.02 -1.49 -8.39
N VAL A 426 20.22 -0.41 -9.13
CA VAL A 426 19.46 -0.15 -10.35
C VAL A 426 20.39 0.41 -11.38
N TRP A 427 20.34 -0.16 -12.58
CA TRP A 427 21.12 0.28 -13.71
C TRP A 427 20.24 0.75 -14.83
N VAL A 428 20.65 1.84 -15.46
CA VAL A 428 20.01 2.35 -16.67
C VAL A 428 21.10 2.61 -17.71
N ARG A 429 20.93 2.00 -18.88
CA ARG A 429 21.96 2.03 -19.93
C ARG A 429 23.32 1.58 -19.38
N GLY A 430 23.29 0.55 -18.55
CA GLY A 430 24.47 0.00 -17.99
C GLY A 430 25.13 0.81 -16.90
N VAL A 431 24.57 1.96 -16.53
CA VAL A 431 25.17 2.80 -15.50
C VAL A 431 24.40 2.56 -14.18
N LYS A 432 25.11 2.21 -13.12
CA LYS A 432 24.48 2.00 -11.82
C LYS A 432 24.07 3.32 -11.22
N GLN A 433 22.77 3.62 -11.27
CA GLN A 433 22.27 4.86 -10.70
C GLN A 433 21.83 4.79 -9.24
N VAL A 434 21.50 3.59 -8.76
CA VAL A 434 21.09 3.36 -7.37
C VAL A 434 21.97 2.28 -6.77
N GLU A 435 22.47 2.52 -5.55
CA GLU A 435 23.38 1.59 -4.86
C GLU A 435 22.81 1.33 -3.47
N GLY A 436 22.45 0.07 -3.16
CA GLY A 436 21.87 -0.29 -1.86
C GLY A 436 20.70 0.63 -1.55
N GLY A 437 19.82 0.85 -2.54
CA GLY A 437 18.59 1.61 -2.31
C GLY A 437 18.74 3.13 -2.45
N ARG A 438 19.98 3.63 -2.57
CA ARG A 438 20.24 5.08 -2.62
C ARG A 438 20.81 5.56 -3.97
N HIS A 439 20.14 6.52 -4.54
CA HIS A 439 20.67 7.28 -5.65
C HIS A 439 21.73 8.25 -5.17
N ARG A 440 22.86 8.37 -5.88
CA ARG A 440 23.91 9.33 -5.46
C ARG A 440 23.45 10.77 -5.28
N LEU A 441 22.51 11.19 -6.12
CA LEU A 441 22.06 12.56 -6.08
C LEU A 441 20.82 12.72 -5.20
N ARG A 442 20.45 11.70 -4.41
CA ARG A 442 19.23 11.83 -3.58
C ARG A 442 19.29 13.08 -2.71
N ASP A 443 20.34 13.23 -1.90
CA ASP A 443 20.36 14.33 -0.93
C ASP A 443 20.41 15.71 -1.59
N GLU A 444 21.19 15.81 -2.65
CA GLU A 444 21.29 17.08 -3.38
C GLU A 444 19.94 17.39 -4.06
N ALA A 445 19.35 16.39 -4.70
CA ALA A 445 18.06 16.60 -5.36
C ALA A 445 16.99 16.98 -4.31
N GLU A 446 17.05 16.36 -3.14
CA GLU A 446 16.12 16.66 -2.07
C GLU A 446 16.23 18.10 -1.56
N ARG A 447 17.45 18.56 -1.36
CA ARG A 447 17.62 19.96 -0.99
C ARG A 447 16.98 20.91 -2.00
N ALA A 448 17.21 20.70 -3.28
CA ALA A 448 16.63 21.58 -4.31
C ALA A 448 15.10 21.43 -4.36
N PHE A 449 14.61 20.20 -4.18
CA PHE A 449 13.17 19.94 -4.11
C PHE A 449 12.52 20.70 -2.96
N GLN A 450 13.10 20.66 -1.77
CA GLN A 450 12.50 21.34 -0.60
C GLN A 450 12.52 22.85 -0.77
N LYS A 451 13.56 23.38 -1.41
CA LYS A 451 13.63 24.80 -1.68
C LYS A 451 12.48 25.18 -2.59
N ALA A 452 12.29 24.45 -3.70
CA ALA A 452 11.19 24.71 -4.60
C ALA A 452 9.83 24.63 -3.87
N LEU A 453 9.66 23.61 -3.03
CA LEU A 453 8.41 23.41 -2.30
C LEU A 453 8.11 24.61 -1.38
N GLY A 454 9.12 25.04 -0.62
CA GLY A 454 9.02 26.23 0.21
C GLY A 454 8.58 27.46 -0.59
N GLU A 455 9.15 27.66 -1.78
CA GLU A 455 8.77 28.80 -2.65
C GLU A 455 7.31 28.68 -3.08
N LEU A 456 6.93 27.47 -3.48
CA LEU A 456 5.61 27.23 -4.01
C LEU A 456 4.51 27.36 -2.96
N LEU A 457 4.83 27.00 -1.71
CA LEU A 457 3.88 27.03 -0.63
C LEU A 457 3.89 28.32 0.15
N ALA A 458 4.83 29.24 -0.14
CA ALA A 458 4.88 30.51 0.60
C ALA A 458 3.59 31.34 0.41
N SER B 10 14.45 6.44 37.35
CA SER B 10 14.11 7.87 37.66
C SER B 10 13.23 8.57 36.58
N GLN B 11 13.02 9.87 36.75
CA GLN B 11 12.05 10.63 35.95
C GLN B 11 12.80 11.12 34.72
N HIS B 12 12.29 10.84 33.52
CA HIS B 12 12.98 11.17 32.23
C HIS B 12 12.06 12.01 31.34
N PHE B 13 12.62 12.89 30.49
CA PHE B 13 11.80 13.83 29.71
C PHE B 13 12.07 13.77 28.21
N ILE B 14 11.00 13.73 27.42
CA ILE B 14 11.08 13.88 25.97
C ILE B 14 10.52 15.27 25.65
N HIS B 15 11.22 16.03 24.84
CA HIS B 15 10.68 17.32 24.35
C HIS B 15 10.39 17.19 22.87
N ALA B 16 9.13 17.45 22.50
CA ALA B 16 8.66 17.32 21.12
C ALA B 16 8.36 18.68 20.56
N ARG B 17 8.88 18.97 19.38
CA ARG B 17 8.51 20.23 18.71
C ARG B 17 7.02 20.26 18.40
N GLN B 18 6.46 19.12 17.99
CA GLN B 18 5.00 18.98 17.87
C GLN B 18 4.60 17.62 18.43
N ALA B 19 3.46 17.58 19.08
CA ALA B 19 2.93 16.33 19.60
C ALA B 19 1.44 16.36 19.46
N LEU B 20 0.87 15.22 19.07
CA LEU B 20 -0.56 15.14 18.81
C LEU B 20 -1.26 14.65 20.07
N LEU B 21 -1.82 15.58 20.82
CA LEU B 21 -2.48 15.26 22.06
C LEU B 21 -3.97 15.01 21.79
N PRO B 22 -4.71 14.48 22.79
CA PRO B 22 -6.13 14.14 22.50
C PRO B 22 -6.98 15.33 22.12
N ASP B 23 -6.62 16.53 22.58
CA ASP B 23 -7.36 17.72 22.19
C ASP B 23 -6.67 18.47 21.03
N GLY B 24 -5.76 17.82 20.29
CA GLY B 24 -5.14 18.43 19.13
C GLY B 24 -3.61 18.54 19.16
N TRP B 25 -3.04 19.01 18.04
CA TRP B 25 -1.62 19.31 17.99
C TRP B 25 -1.24 20.36 18.97
N ALA B 26 -0.13 20.16 19.66
CA ALA B 26 0.48 21.23 20.46
C ALA B 26 1.95 21.29 20.11
N GLU B 27 2.53 22.45 20.37
CA GLU B 27 3.93 22.69 20.08
C GLU B 27 4.76 22.80 21.36
N ASN B 28 6.02 22.39 21.23
CA ASN B 28 6.98 22.50 22.30
C ASN B 28 6.48 21.79 23.56
N VAL B 29 6.24 20.49 23.40
CA VAL B 29 5.56 19.66 24.40
C VAL B 29 6.60 18.87 25.18
N ARG B 30 6.61 19.04 26.50
CA ARG B 30 7.52 18.30 27.36
C ARG B 30 6.75 17.12 27.97
N ILE B 31 7.17 15.89 27.67
CA ILE B 31 6.49 14.71 28.18
C ILE B 31 7.37 14.09 29.24
N GLY B 32 6.88 14.02 30.47
CA GLY B 32 7.64 13.40 31.57
C GLY B 32 7.24 11.93 31.71
N ILE B 33 8.21 11.08 31.97
CA ILE B 33 8.03 9.66 32.14
C ILE B 33 8.64 9.21 33.45
N ALA B 34 7.88 8.43 34.22
CA ALA B 34 8.26 7.90 35.50
C ALA B 34 7.59 6.56 35.75
N GLY B 35 8.42 5.56 36.06
CA GLY B 35 7.98 4.20 36.23
C GLY B 35 7.24 3.67 35.05
N GLY B 36 7.65 4.10 33.84
CA GLY B 36 6.99 3.67 32.60
C GLY B 36 5.62 4.30 32.30
N VAL B 37 5.26 5.33 33.07
CA VAL B 37 3.99 6.00 32.95
C VAL B 37 4.28 7.48 32.61
N ILE B 38 3.36 8.12 31.93
CA ILE B 38 3.46 9.56 31.63
C ILE B 38 3.06 10.32 32.88
N CYS B 39 4.01 11.01 33.48
CA CYS B 39 3.74 11.67 34.75
C CYS B 39 3.32 13.12 34.52
N SER B 40 3.70 13.70 33.39
CA SER B 40 3.39 15.11 33.10
C SER B 40 3.44 15.39 31.60
N ILE B 41 2.59 16.32 31.17
CA ILE B 41 2.61 16.87 29.82
C ILE B 41 2.45 18.38 29.96
N GLU B 42 3.42 19.12 29.41
CA GLU B 42 3.49 20.59 29.50
C GLU B 42 3.63 21.10 28.08
N THR B 43 2.81 22.06 27.65
CA THR B 43 2.92 22.56 26.27
C THR B 43 3.47 24.00 26.26
N GLY B 44 4.06 24.39 25.13
CA GLY B 44 4.63 25.71 24.95
C GLY B 44 5.79 25.99 25.88
N VAL B 45 6.68 25.01 26.12
CA VAL B 45 7.84 25.22 27.03
C VAL B 45 9.13 24.91 26.29
N LEU B 46 10.25 25.49 26.74
CA LEU B 46 11.56 25.22 26.16
C LEU B 46 12.01 23.87 26.68
N ALA B 47 12.89 23.20 25.93
CA ALA B 47 13.48 21.92 26.36
C ALA B 47 14.36 22.20 27.56
N GLY B 48 14.25 21.38 28.61
CA GLY B 48 15.25 21.37 29.65
C GLY B 48 16.58 20.87 29.08
N PRO B 49 17.69 21.16 29.80
CA PRO B 49 19.01 20.75 29.29
C PRO B 49 19.19 19.23 29.19
N ASP B 50 18.47 18.44 29.98
CA ASP B 50 18.61 16.99 29.87
C ASP B 50 17.49 16.30 29.07
N ASP B 51 16.57 17.07 28.49
CA ASP B 51 15.45 16.49 27.74
C ASP B 51 15.96 15.86 26.46
N GLU B 52 15.42 14.71 26.10
CA GLU B 52 15.68 14.14 24.80
C GLU B 52 14.76 14.79 23.78
N ARG B 53 15.35 15.30 22.71
CA ARG B 53 14.64 16.13 21.75
C ARG B 53 14.08 15.33 20.58
N GLN B 54 12.81 15.54 20.27
CA GLN B 54 12.18 14.89 19.11
C GLN B 54 11.41 15.96 18.31
N SER B 55 11.25 15.73 17.02
CA SER B 55 10.53 16.65 16.15
C SER B 55 9.04 16.48 16.23
N VAL B 56 8.54 15.24 16.05
CA VAL B 56 7.11 14.99 15.96
C VAL B 56 6.78 13.70 16.70
N VAL B 57 5.92 13.79 17.71
CA VAL B 57 5.56 12.67 18.60
C VAL B 57 4.05 12.43 18.55
N VAL B 58 3.69 11.18 18.36
CA VAL B 58 2.31 10.72 18.29
C VAL B 58 2.14 9.52 19.20
N ALA B 59 0.88 9.21 19.51
CA ALA B 59 0.56 8.06 20.35
C ALA B 59 0.97 6.76 19.68
N GLY B 60 1.29 5.76 20.50
CA GLY B 60 1.46 4.41 20.06
C GLY B 60 0.16 3.81 19.59
N MET B 61 0.23 3.03 18.51
CA MET B 61 -0.96 2.44 17.93
C MET B 61 -1.11 1.01 18.42
N ALA B 62 -2.32 0.66 18.86
CA ALA B 62 -2.61 -0.76 19.11
C ALA B 62 -2.79 -1.48 17.82
N ASN B 63 -2.24 -2.70 17.77
CA ASN B 63 -2.49 -3.59 16.66
C ASN B 63 -3.49 -4.58 17.18
N LEU B 64 -4.77 -4.32 16.97
CA LEU B 64 -5.76 -4.97 17.83
C LEU B 64 -6.15 -6.41 17.45
N HIS B 65 -5.51 -7.00 16.43
CA HIS B 65 -5.88 -8.37 15.97
C HIS B 65 -4.76 -8.93 15.16
N SER B 66 -4.18 -9.99 15.69
CA SER B 66 -3.02 -10.68 15.15
C SER B 66 -3.13 -12.17 15.39
N HIS B 67 -2.75 -12.95 14.38
CA HIS B 67 -2.42 -14.36 14.54
C HIS B 67 -0.98 -14.52 14.23
N ALA B 68 -0.16 -14.60 15.28
CA ALA B 68 1.28 -14.44 15.15
C ALA B 68 1.87 -15.46 14.18
N PHE B 69 1.42 -16.72 14.23
CA PHE B 69 2.02 -17.77 13.40
C PHE B 69 1.90 -17.53 11.91
N GLN B 70 0.86 -16.79 11.50
CA GLN B 70 0.61 -16.52 10.11
C GLN B 70 1.68 -15.60 9.51
N TYR B 71 2.39 -14.87 10.36
CA TYR B 71 3.52 -14.05 9.87
C TYR B 71 4.52 -14.94 9.14
N GLY B 72 4.66 -16.19 9.58
CA GLY B 72 5.56 -17.12 8.91
C GLY B 72 5.16 -17.42 7.46
N MET B 73 3.88 -17.29 7.14
CA MET B 73 3.41 -17.60 5.78
C MET B 73 3.27 -16.37 4.91
N ALA B 74 3.62 -15.19 5.43
CA ALA B 74 3.46 -13.94 4.69
C ALA B 74 4.21 -14.01 3.35
N GLY B 75 3.51 -13.72 2.25
CA GLY B 75 4.13 -13.71 0.93
C GLY B 75 4.15 -15.07 0.25
N LEU B 76 3.77 -16.12 0.97
CA LEU B 76 3.75 -17.46 0.47
C LEU B 76 2.37 -17.92 -0.04
N ALA B 77 1.29 -17.15 0.19
CA ALA B 77 -0.06 -17.58 -0.25
C ALA B 77 -0.55 -16.86 -1.53
N GLU B 78 0.37 -16.42 -2.38
CA GLU B 78 0.01 -15.61 -3.54
C GLU B 78 0.18 -16.38 -4.87
N ARG B 79 0.10 -17.70 -4.82
CA ARG B 79 0.11 -18.55 -6.01
C ARG B 79 -1.26 -19.16 -6.20
N ARG B 80 -1.79 -19.06 -7.41
CA ARG B 80 -3.20 -19.40 -7.66
C ARG B 80 -3.49 -20.88 -7.42
N GLY B 81 -2.63 -21.77 -7.94
CA GLY B 81 -2.84 -23.21 -7.81
C GLY B 81 -3.94 -23.75 -8.72
N PRO B 82 -4.12 -25.09 -8.75
CA PRO B 82 -5.12 -25.68 -9.67
C PRO B 82 -6.60 -25.68 -9.20
N SER B 83 -6.91 -25.29 -7.97
CA SER B 83 -8.29 -25.42 -7.46
C SER B 83 -9.27 -24.41 -8.06
N ALA B 84 -10.52 -24.83 -8.27
CA ALA B 84 -11.63 -23.92 -8.63
C ALA B 84 -11.92 -22.92 -7.53
N ASP B 85 -11.64 -23.35 -6.29
CA ASP B 85 -11.76 -22.49 -5.12
C ASP B 85 -10.47 -21.64 -4.98
N SER B 86 -10.55 -20.34 -5.32
CA SER B 86 -9.38 -19.43 -5.24
C SER B 86 -8.86 -19.19 -3.81
N PHE B 87 -9.59 -19.64 -2.79
CA PHE B 87 -9.09 -19.59 -1.39
C PHE B 87 -8.35 -20.86 -0.92
N TRP B 88 -8.31 -21.90 -1.75
CA TRP B 88 -7.73 -23.19 -1.35
C TRP B 88 -6.28 -23.06 -0.96
N SER B 89 -5.50 -22.37 -1.80
CA SER B 89 -4.06 -22.20 -1.55
C SER B 89 -3.75 -21.53 -0.20
N TRP B 90 -4.56 -20.53 0.17
CA TRP B 90 -4.40 -19.84 1.45
C TRP B 90 -4.63 -20.79 2.61
N ARG B 91 -5.73 -21.52 2.58
CA ARG B 91 -6.00 -22.51 3.62
C ARG B 91 -4.95 -23.63 3.68
N GLU B 92 -4.48 -24.10 2.51
CA GLU B 92 -3.46 -25.17 2.48
C GLU B 92 -2.17 -24.70 3.17
N ILE B 93 -1.70 -23.50 2.82
CA ILE B 93 -0.49 -22.96 3.41
C ILE B 93 -0.75 -22.70 4.90
N MET B 94 -1.90 -22.13 5.24
CA MET B 94 -2.20 -21.79 6.62
C MET B 94 -2.19 -23.06 7.50
N TYR B 95 -2.85 -24.13 7.05
CA TYR B 95 -2.87 -25.38 7.79
C TYR B 95 -1.49 -26.11 7.79
N LYS B 96 -0.68 -25.98 6.73
CA LYS B 96 0.69 -26.51 6.79
C LYS B 96 1.46 -25.91 7.98
N PHE B 97 1.42 -24.58 8.13
CA PHE B 97 2.05 -23.92 9.29
C PHE B 97 1.34 -24.29 10.62
N ALA B 98 0.02 -24.14 10.65
CA ALA B 98 -0.75 -24.34 11.88
C ALA B 98 -0.54 -25.76 12.46
N LEU B 99 -0.46 -26.76 11.58
CA LEU B 99 -0.44 -28.15 12.04
C LEU B 99 0.95 -28.66 12.38
N THR B 100 2.01 -27.94 12.01
CA THR B 100 3.39 -28.41 12.26
C THR B 100 4.22 -27.53 13.20
N MET B 101 3.76 -26.31 13.46
CA MET B 101 4.57 -25.40 14.24
C MET B 101 4.77 -25.88 15.70
N THR B 102 6.02 -25.88 16.15
CA THR B 102 6.37 -26.23 17.51
C THR B 102 6.35 -24.96 18.41
N PRO B 103 6.36 -25.16 19.75
CA PRO B 103 6.36 -23.96 20.61
C PRO B 103 7.62 -23.08 20.47
N GLU B 104 8.79 -23.70 20.28
CA GLU B 104 10.02 -22.99 20.03
CA GLU B 104 10.02 -22.94 20.06
C GLU B 104 9.89 -22.14 18.77
N GLN B 105 9.33 -22.74 17.73
CA GLN B 105 9.13 -21.99 16.46
C GLN B 105 8.11 -20.87 16.64
N ALA B 106 7.05 -21.14 17.37
CA ALA B 106 6.02 -20.16 17.58
C ALA B 106 6.57 -18.94 18.32
N GLU B 107 7.47 -19.15 19.26
CA GLU B 107 8.06 -18.03 19.97
C GLU B 107 8.94 -17.19 19.05
N ALA B 108 9.76 -17.86 18.22
CA ALA B 108 10.63 -17.19 17.25
C ALA B 108 9.87 -16.37 16.23
N VAL B 109 8.82 -16.94 15.66
CA VAL B 109 7.94 -16.24 14.73
C VAL B 109 7.24 -15.04 15.40
N ALA B 110 6.64 -15.26 16.57
CA ALA B 110 5.97 -14.16 17.28
C ALA B 110 6.95 -13.04 17.63
N LEU B 111 8.15 -13.39 18.09
CA LEU B 111 9.12 -12.35 18.39
C LEU B 111 9.42 -11.49 17.17
N ARG B 112 9.72 -12.12 16.04
CA ARG B 112 10.10 -11.35 14.85
C ARG B 112 8.94 -10.51 14.34
N LEU B 113 7.74 -11.03 14.46
CA LEU B 113 6.53 -10.26 14.17
C LEU B 113 6.36 -9.03 15.06
N TYR B 114 6.55 -9.22 16.35
CA TYR B 114 6.36 -8.11 17.28
C TYR B 114 7.45 -7.06 17.08
N VAL B 115 8.67 -7.49 16.71
CA VAL B 115 9.69 -6.53 16.33
C VAL B 115 9.26 -5.70 15.10
N ASP B 116 8.76 -6.39 14.09
CA ASP B 116 8.25 -5.72 12.89
C ASP B 116 7.11 -4.72 13.25
N MET B 117 6.17 -5.16 14.09
CA MET B 117 5.08 -4.25 14.55
C MET B 117 5.65 -3.04 15.28
N LEU B 118 6.58 -3.26 16.21
CA LEU B 118 7.19 -2.15 16.96
C LEU B 118 7.88 -1.18 16.00
N GLU B 119 8.62 -1.70 15.03
CA GLU B 119 9.28 -0.85 14.04
C GLU B 119 8.29 -0.05 13.14
N ALA B 120 7.07 -0.53 13.04
CA ALA B 120 6.04 0.15 12.32
C ALA B 120 5.24 1.13 13.22
N GLY B 121 5.53 1.17 14.53
CA GLY B 121 4.88 2.15 15.41
C GLY B 121 3.69 1.59 16.19
N PHE B 122 3.50 0.26 16.17
CA PHE B 122 2.47 -0.35 16.99
C PHE B 122 3.10 -0.67 18.34
N THR B 123 2.46 -0.26 19.44
CA THR B 123 3.01 -0.40 20.80
C THR B 123 2.33 -1.46 21.67
N ARG B 124 1.25 -2.04 21.16
CA ARG B 124 0.52 -3.12 21.86
C ARG B 124 -0.05 -4.03 20.81
N VAL B 125 -0.13 -5.31 21.13
CA VAL B 125 -0.75 -6.24 20.23
C VAL B 125 -1.88 -6.97 20.92
N GLY B 126 -2.94 -7.18 20.16
CA GLY B 126 -4.06 -8.03 20.56
C GLY B 126 -3.94 -9.35 19.88
N GLU B 127 -3.34 -10.31 20.57
CA GLU B 127 -3.04 -11.61 20.00
C GLU B 127 -4.24 -12.55 20.17
N PHE B 128 -4.89 -12.80 19.05
CA PHE B 128 -6.12 -13.56 18.95
C PHE B 128 -5.61 -14.97 18.70
N HIS B 129 -5.43 -15.70 19.79
CA HIS B 129 -4.55 -16.83 19.86
C HIS B 129 -5.28 -18.16 19.86
N TYR B 130 -5.21 -18.89 18.76
CA TYR B 130 -5.92 -20.18 18.69
C TYR B 130 -5.07 -21.41 18.47
N LEU B 131 -3.75 -21.24 18.40
CA LEU B 131 -2.86 -22.35 18.16
C LEU B 131 -2.45 -22.89 19.54
N HIS B 132 -3.25 -23.82 20.07
CA HIS B 132 -3.13 -24.21 21.47
C HIS B 132 -2.34 -25.47 21.72
N HIS B 133 -2.73 -26.57 21.07
CA HIS B 133 -2.31 -27.89 21.50
C HIS B 133 -1.21 -28.45 20.63
N ASP B 134 -0.74 -29.64 20.95
CA ASP B 134 0.36 -30.25 20.21
C ASP B 134 -0.11 -30.70 18.81
N CYS B 135 0.81 -31.20 17.99
CA CYS B 135 0.51 -31.48 16.57
C CYS B 135 -0.58 -32.54 16.37
N ASP B 136 -0.71 -33.50 17.29
CA ASP B 136 -1.75 -34.52 17.21
C ASP B 136 -3.04 -34.08 17.90
N GLY B 137 -3.08 -32.84 18.39
CA GLY B 137 -4.27 -32.33 19.04
C GLY B 137 -4.35 -32.65 20.52
N THR B 138 -3.28 -33.22 21.08
CA THR B 138 -3.20 -33.49 22.52
C THR B 138 -2.67 -32.24 23.22
N PRO B 139 -3.26 -31.88 24.37
CA PRO B 139 -2.73 -30.75 25.13
C PRO B 139 -1.28 -30.94 25.53
N TYR B 140 -0.54 -29.84 25.66
CA TYR B 140 0.84 -29.91 26.17
C TYR B 140 0.81 -30.16 27.66
N ALA B 141 1.87 -30.74 28.21
CA ALA B 141 1.93 -31.04 29.64
C ALA B 141 1.64 -29.74 30.41
N ASN B 142 2.17 -28.63 29.91
CA ASN B 142 1.78 -27.30 30.39
C ASN B 142 0.66 -26.80 29.48
N LEU B 143 -0.57 -26.76 29.99
CA LEU B 143 -1.75 -26.53 29.11
C LEU B 143 -1.63 -25.26 28.24
N SER B 144 -1.11 -24.19 28.83
CA SER B 144 -1.01 -22.90 28.17
C SER B 144 0.31 -22.69 27.43
N GLU B 145 1.08 -23.76 27.25
CA GLU B 145 2.39 -23.67 26.58
C GLU B 145 2.46 -22.62 25.45
N MET B 146 1.55 -22.69 24.48
CA MET B 146 1.65 -21.83 23.31
C MET B 146 1.39 -20.37 23.65
N ALA B 147 0.46 -20.13 24.58
CA ALA B 147 0.20 -18.76 25.09
C ALA B 147 1.40 -18.23 25.86
N ASP B 148 2.07 -19.12 26.61
CA ASP B 148 3.29 -18.74 27.32
C ASP B 148 4.40 -18.29 26.33
N ARG B 149 4.46 -18.95 25.18
CA ARG B 149 5.42 -18.55 24.13
C ARG B 149 5.14 -17.15 23.58
N ILE B 150 3.86 -16.84 23.40
CA ILE B 150 3.42 -15.51 22.96
C ILE B 150 3.89 -14.49 23.98
N ALA B 151 3.59 -14.75 25.25
CA ALA B 151 3.97 -13.84 26.29
C ALA B 151 5.49 -13.68 26.41
N ALA B 152 6.25 -14.76 26.26
CA ALA B 152 7.70 -14.68 26.24
C ALA B 152 8.19 -13.84 25.09
N ALA B 153 7.59 -14.03 23.89
CA ALA B 153 7.95 -13.25 22.71
C ALA B 153 7.66 -11.75 22.94
N ALA B 154 6.46 -11.45 23.40
CA ALA B 154 6.11 -10.06 23.70
C ALA B 154 7.06 -9.43 24.74
N THR B 155 7.41 -10.18 25.79
CA THR B 155 8.33 -9.72 26.81
C THR B 155 9.70 -9.40 26.24
N THR B 156 10.22 -10.30 25.43
CA THR B 156 11.52 -10.10 24.82
C THR B 156 11.48 -8.86 23.91
N ALA B 157 10.38 -8.74 23.17
CA ALA B 157 10.22 -7.61 22.22
C ALA B 157 10.04 -6.26 22.93
N GLY B 158 9.52 -6.32 24.15
CA GLY B 158 9.08 -5.15 24.89
C GLY B 158 7.74 -4.64 24.36
N MET B 159 6.98 -5.52 23.71
CA MET B 159 5.69 -5.19 23.11
C MET B 159 4.56 -5.35 24.15
N GLY B 160 3.63 -4.38 24.20
CA GLY B 160 2.48 -4.48 25.11
C GLY B 160 1.60 -5.62 24.64
N LEU B 161 0.94 -6.33 25.54
CA LEU B 161 0.16 -7.52 25.17
C LEU B 161 -1.24 -7.51 25.79
N THR B 162 -2.25 -7.52 24.94
CA THR B 162 -3.55 -7.96 25.31
C THR B 162 -3.74 -9.35 24.70
N LEU B 163 -3.71 -10.35 25.55
CA LEU B 163 -3.75 -11.73 25.10
C LEU B 163 -5.19 -12.21 25.12
N LEU B 164 -5.62 -12.77 23.99
CA LEU B 164 -7.03 -13.14 23.79
C LEU B 164 -7.10 -14.63 23.33
N PRO B 165 -6.94 -15.55 24.27
CA PRO B 165 -7.00 -16.96 23.90
C PRO B 165 -8.37 -17.26 23.29
N VAL B 166 -8.35 -18.02 22.21
CA VAL B 166 -9.54 -18.28 21.41
C VAL B 166 -10.29 -19.58 21.83
N PHE B 167 -11.58 -19.45 21.96
CA PHE B 167 -12.44 -20.59 22.19
C PHE B 167 -12.97 -21.03 20.84
N TYR B 168 -12.76 -22.30 20.53
CA TYR B 168 -13.12 -22.91 19.24
C TYR B 168 -13.52 -24.36 19.47
N ALA B 169 -14.71 -24.74 19.05
CA ALA B 169 -15.20 -26.11 19.29
C ALA B 169 -15.93 -26.79 18.10
N HIS B 170 -16.26 -26.04 17.06
CA HIS B 170 -17.13 -26.53 15.98
C HIS B 170 -16.75 -26.02 14.63
N SER B 171 -17.12 -26.79 13.62
CA SER B 171 -16.78 -26.49 12.25
C SER B 171 -17.95 -25.85 11.47
N GLY B 172 -19.06 -25.55 12.12
CA GLY B 172 -20.19 -24.94 11.42
C GLY B 172 -21.35 -24.55 12.31
N PHE B 173 -22.27 -23.70 11.80
CA PHE B 173 -23.47 -23.27 12.55
C PHE B 173 -24.22 -24.48 13.10
N GLY B 174 -24.83 -24.30 14.27
CA GLY B 174 -25.59 -25.37 14.89
C GLY B 174 -24.74 -26.43 15.57
N GLY B 175 -23.49 -26.13 15.88
CA GLY B 175 -22.68 -27.04 16.68
C GLY B 175 -22.16 -28.26 15.94
N ALA B 176 -21.94 -28.13 14.62
CA ALA B 176 -21.27 -29.17 13.82
C ALA B 176 -19.94 -29.60 14.45
N ALA B 177 -19.66 -30.90 14.47
CA ALA B 177 -18.38 -31.38 15.03
C ALA B 177 -17.18 -30.73 14.35
N ALA B 178 -16.15 -30.46 15.15
CA ALA B 178 -14.93 -29.85 14.63
C ALA B 178 -14.27 -30.91 13.79
N ASN B 179 -13.68 -30.54 12.67
CA ASN B 179 -12.95 -31.56 11.92
C ASN B 179 -11.50 -31.72 12.43
N GLU B 180 -10.85 -32.78 11.97
CA GLU B 180 -9.50 -33.16 12.39
C GLU B 180 -8.45 -32.09 12.07
N GLY B 181 -8.63 -31.33 10.99
CA GLY B 181 -7.74 -30.21 10.67
C GLY B 181 -7.68 -29.13 11.74
N GLN B 182 -8.77 -29.02 12.52
CA GLN B 182 -8.87 -28.02 13.61
C GLN B 182 -8.38 -28.50 14.97
N ARG B 183 -7.84 -29.70 15.00
CA ARG B 183 -7.51 -30.36 16.26
C ARG B 183 -6.62 -29.58 17.24
N ARG B 184 -5.73 -28.72 16.76
CA ARG B 184 -4.87 -27.97 17.69
C ARG B 184 -5.58 -26.75 18.30
N PHE B 185 -6.79 -26.44 17.81
CA PHE B 185 -7.50 -25.21 18.19
C PHE B 185 -8.58 -25.47 19.22
N ILE B 186 -8.94 -26.74 19.38
CA ILE B 186 -10.18 -27.16 20.02
C ILE B 186 -10.07 -27.12 21.54
N ASN B 187 -11.12 -26.64 22.19
CA ASN B 187 -11.30 -26.85 23.62
C ASN B 187 -12.78 -26.99 23.91
N ASP B 188 -13.11 -27.60 25.05
CA ASP B 188 -14.44 -27.42 25.64
C ASP B 188 -14.36 -26.33 26.71
N PRO B 189 -15.52 -25.89 27.24
CA PRO B 189 -15.46 -24.69 28.10
C PRO B 189 -14.64 -24.93 29.36
N GLU B 190 -14.68 -26.16 29.85
CA GLU B 190 -13.92 -26.52 31.03
C GLU B 190 -12.40 -26.43 30.76
N ARG B 191 -11.93 -27.08 29.69
CA ARG B 191 -10.50 -27.03 29.41
C ARG B 191 -10.07 -25.63 29.01
N PHE B 192 -10.98 -24.87 28.40
CA PHE B 192 -10.72 -23.48 28.09
C PHE B 192 -10.51 -22.64 29.36
N ALA B 193 -11.40 -22.78 30.36
CA ALA B 193 -11.21 -22.04 31.64
C ALA B 193 -9.84 -22.38 32.26
N ARG B 194 -9.46 -23.64 32.26
CA ARG B 194 -8.15 -24.02 32.78
C ARG B 194 -7.01 -23.38 31.97
N LEU B 195 -7.18 -23.24 30.66
CA LEU B 195 -6.16 -22.59 29.83
C LEU B 195 -6.05 -21.11 30.18
N ILE B 196 -7.20 -20.45 30.31
CA ILE B 196 -7.24 -19.06 30.74
C ILE B 196 -6.54 -18.88 32.10
N GLU B 197 -6.75 -19.80 33.03
CA GLU B 197 -6.05 -19.79 34.29
C GLU B 197 -4.51 -19.91 34.14
N GLY B 198 -4.05 -20.83 33.29
CA GLY B 198 -2.61 -20.92 32.96
C GLY B 198 -2.07 -19.61 32.40
N CYS B 199 -2.85 -18.96 31.52
CA CYS B 199 -2.45 -17.66 30.99
C CYS B 199 -2.36 -16.57 32.06
N ARG B 200 -3.35 -16.53 32.94
CA ARG B 200 -3.32 -15.55 34.05
C ARG B 200 -2.04 -15.67 34.90
N LYS B 201 -1.67 -16.89 35.27
CA LYS B 201 -0.45 -17.09 36.03
C LYS B 201 0.76 -16.62 35.27
N THR B 202 0.85 -17.01 34.00
CA THR B 202 1.96 -16.57 33.17
C THR B 202 2.08 -15.05 33.05
N LEU B 203 0.95 -14.36 32.95
CA LEU B 203 0.96 -12.90 32.80
C LEU B 203 1.19 -12.13 34.10
N GLU B 204 1.29 -12.82 35.23
CA GLU B 204 1.66 -12.15 36.48
C GLU B 204 3.02 -11.54 36.31
N GLY B 205 3.16 -10.28 36.66
CA GLY B 205 4.43 -9.60 36.42
C GLY B 205 4.66 -9.12 34.99
N PHE B 206 3.76 -9.44 34.06
CA PHE B 206 3.83 -8.84 32.73
C PHE B 206 3.17 -7.46 32.84
N GLU B 207 3.96 -6.43 33.10
CA GLU B 207 3.39 -5.09 33.27
C GLU B 207 2.48 -4.63 32.13
N GLY B 208 1.28 -4.14 32.48
CA GLY B 208 0.32 -3.63 31.48
C GLY B 208 -0.48 -4.67 30.69
N ALA B 209 -0.22 -5.96 30.93
CA ALA B 209 -0.83 -7.01 30.15
C ALA B 209 -2.30 -7.00 30.47
N VAL B 210 -3.09 -7.36 29.46
CA VAL B 210 -4.50 -7.59 29.64
C VAL B 210 -4.84 -8.99 29.15
N LEU B 211 -5.70 -9.70 29.86
CA LEU B 211 -6.14 -11.04 29.45
C LEU B 211 -7.63 -11.01 29.22
N GLY B 212 -8.05 -11.24 27.96
CA GLY B 212 -9.46 -11.35 27.63
C GLY B 212 -9.76 -12.72 27.05
N VAL B 213 -10.87 -12.85 26.33
CA VAL B 213 -11.26 -14.10 25.67
C VAL B 213 -11.73 -13.84 24.24
N ALA B 214 -11.56 -14.84 23.38
CA ALA B 214 -11.84 -14.70 21.96
C ALA B 214 -12.64 -15.92 21.46
N PRO B 215 -13.97 -15.90 21.65
CA PRO B 215 -14.75 -16.85 20.89
C PRO B 215 -14.46 -16.70 19.40
N HIS B 216 -14.11 -17.78 18.73
CA HIS B 216 -13.56 -17.63 17.38
C HIS B 216 -14.49 -16.92 16.41
N SER B 217 -15.71 -17.42 16.35
CA SER B 217 -16.72 -16.93 15.39
C SER B 217 -18.02 -17.61 15.73
N LEU B 218 -19.10 -17.17 15.11
CA LEU B 218 -20.38 -17.76 15.38
C LEU B 218 -20.48 -19.21 14.89
N ARG B 219 -19.70 -19.55 13.87
CA ARG B 219 -19.67 -20.92 13.34
C ARG B 219 -19.02 -21.86 14.32
N ALA B 220 -18.01 -21.36 15.01
CA ALA B 220 -17.08 -22.19 15.74
C ALA B 220 -17.55 -22.41 17.17
N VAL B 221 -18.59 -21.72 17.58
CA VAL B 221 -19.03 -21.72 18.98
C VAL B 221 -20.53 -21.79 18.99
N THR B 222 -21.11 -22.58 19.91
CA THR B 222 -22.56 -22.59 20.10
C THR B 222 -22.99 -21.43 21.01
N PRO B 223 -24.29 -21.07 21.00
CA PRO B 223 -24.78 -20.03 21.93
C PRO B 223 -24.48 -20.30 23.42
N ASP B 224 -24.64 -21.54 23.87
CA ASP B 224 -24.34 -21.88 25.26
C ASP B 224 -22.85 -21.72 25.58
N GLU B 225 -22.00 -22.14 24.65
CA GLU B 225 -20.57 -22.03 24.87
C GLU B 225 -20.17 -20.55 24.89
N LEU B 226 -20.82 -19.75 24.04
CA LEU B 226 -20.55 -18.34 23.99
C LEU B 226 -20.87 -17.67 25.32
N ASP B 227 -22.01 -18.06 25.91
CA ASP B 227 -22.34 -17.56 27.25
C ASP B 227 -21.27 -17.87 28.29
N SER B 228 -20.83 -19.13 28.35
CA SER B 228 -19.82 -19.53 29.33
C SER B 228 -18.50 -18.79 29.17
N VAL B 229 -18.03 -18.71 27.93
CA VAL B 229 -16.71 -18.12 27.65
C VAL B 229 -16.69 -16.64 27.99
N THR B 230 -17.76 -15.94 27.65
CA THR B 230 -17.80 -14.49 27.83
C THR B 230 -18.19 -14.06 29.28
N GLN B 231 -18.40 -15.04 30.15
CA GLN B 231 -18.65 -14.81 31.56
C GLN B 231 -17.40 -15.10 32.40
N LEU B 232 -16.35 -15.68 31.81
CA LEU B 232 -15.17 -16.05 32.59
C LEU B 232 -14.47 -14.86 33.22
N LEU B 233 -14.31 -13.80 32.46
CA LEU B 233 -13.60 -12.61 32.88
C LEU B 233 -14.48 -11.42 32.46
N PRO B 234 -15.54 -11.16 33.25
CA PRO B 234 -16.57 -10.21 32.84
C PRO B 234 -16.08 -8.78 32.72
N ASP B 235 -14.93 -8.45 33.29
CA ASP B 235 -14.42 -7.08 33.19
C ASP B 235 -13.34 -6.93 32.13
N ALA B 236 -13.07 -7.98 31.38
CA ALA B 236 -11.98 -7.94 30.41
C ALA B 236 -12.57 -8.02 29.00
N PRO B 237 -11.76 -7.68 27.98
CA PRO B 237 -12.29 -7.75 26.60
C PRO B 237 -12.84 -9.08 26.09
N VAL B 238 -13.79 -8.97 25.16
CA VAL B 238 -14.26 -10.10 24.36
C VAL B 238 -14.09 -9.73 22.86
N HIS B 239 -13.36 -10.56 22.13
CA HIS B 239 -13.18 -10.40 20.68
C HIS B 239 -13.76 -11.58 19.96
N ILE B 240 -14.31 -11.33 18.78
CA ILE B 240 -14.92 -12.39 17.96
C ILE B 240 -14.87 -12.00 16.50
N HIS B 241 -14.55 -12.94 15.60
CA HIS B 241 -14.68 -12.71 14.16
C HIS B 241 -16.14 -12.69 13.82
N VAL B 242 -16.63 -11.67 13.12
CA VAL B 242 -18.00 -11.71 12.66
C VAL B 242 -18.23 -11.04 11.28
N ALA B 243 -19.03 -11.69 10.43
CA ALA B 243 -19.48 -11.09 9.17
C ALA B 243 -18.33 -10.72 8.19
N GLU B 244 -17.27 -11.51 8.21
CA GLU B 244 -16.10 -11.25 7.36
C GLU B 244 -16.35 -11.54 5.87
N GLN B 245 -17.03 -12.66 5.59
CA GLN B 245 -17.28 -13.14 4.21
C GLN B 245 -18.79 -13.27 3.96
N VAL B 246 -19.23 -13.05 2.71
CA VAL B 246 -20.66 -13.15 2.35
C VAL B 246 -21.21 -14.53 2.68
N LYS B 247 -20.41 -15.58 2.49
CA LYS B 247 -20.90 -16.94 2.73
C LYS B 247 -21.32 -17.09 4.18
N GLU B 248 -20.63 -16.44 5.12
CA GLU B 248 -21.02 -16.53 6.55
C GLU B 248 -22.39 -15.90 6.79
N VAL B 249 -22.63 -14.76 6.18
CA VAL B 249 -23.92 -14.06 6.31
C VAL B 249 -25.07 -14.94 5.79
N GLU B 250 -24.86 -15.54 4.60
CA GLU B 250 -25.85 -16.43 4.00
C GLU B 250 -26.11 -17.65 4.92
N ASP B 251 -25.04 -18.29 5.40
CA ASP B 251 -25.16 -19.46 6.26
C ASP B 251 -25.84 -19.09 7.58
N CYS B 252 -25.51 -17.91 8.11
CA CYS B 252 -26.07 -17.47 9.40
C CYS B 252 -27.57 -17.27 9.23
N ILE B 253 -27.96 -16.63 8.12
CA ILE B 253 -29.36 -16.44 7.81
C ILE B 253 -30.07 -17.80 7.68
N ALA B 254 -29.47 -18.74 6.98
CA ALA B 254 -30.11 -20.07 6.81
C ALA B 254 -30.31 -20.74 8.18
N TRP B 255 -29.37 -20.56 9.09
CA TRP B 255 -29.41 -21.20 10.42
C TRP B 255 -30.37 -20.55 11.38
N SER B 256 -30.41 -19.22 11.40
CA SER B 256 -31.14 -18.48 12.44
C SER B 256 -32.21 -17.52 11.95
N GLY B 257 -32.22 -17.22 10.64
CA GLY B 257 -33.08 -16.18 10.09
C GLY B 257 -32.48 -14.79 10.28
N LYS B 258 -31.28 -14.72 10.83
CA LYS B 258 -30.64 -13.43 11.17
C LYS B 258 -29.21 -13.38 10.61
N ARG B 259 -28.74 -12.16 10.37
CA ARG B 259 -27.37 -11.93 9.95
C ARG B 259 -26.47 -12.03 11.18
N PRO B 260 -25.13 -12.15 10.98
CA PRO B 260 -24.27 -12.40 12.14
C PRO B 260 -24.26 -11.27 13.19
N VAL B 261 -24.03 -10.02 12.80
CA VAL B 261 -23.88 -8.98 13.82
C VAL B 261 -25.24 -8.84 14.53
N GLU B 262 -26.30 -8.81 13.74
CA GLU B 262 -27.63 -8.75 14.28
C GLU B 262 -27.88 -9.87 15.31
N TRP B 263 -27.48 -11.07 14.96
CA TRP B 263 -27.69 -12.20 15.85
C TRP B 263 -26.94 -11.99 17.14
N LEU B 264 -25.68 -11.57 17.02
CA LEU B 264 -24.87 -11.31 18.17
C LEU B 264 -25.47 -10.19 19.06
N LEU B 265 -25.91 -9.09 18.46
CA LEU B 265 -26.48 -7.98 19.25
C LEU B 265 -27.77 -8.41 19.96
N ASP B 266 -28.52 -9.32 19.36
CA ASP B 266 -29.77 -9.80 19.96
C ASP B 266 -29.56 -10.83 21.06
N HIS B 267 -28.43 -11.55 21.06
CA HIS B 267 -28.23 -12.65 22.02
C HIS B 267 -27.18 -12.39 23.07
N GLN B 268 -26.42 -11.32 22.94
CA GLN B 268 -25.43 -10.97 23.94
C GLN B 268 -25.61 -9.50 24.28
N ASP B 269 -25.23 -9.15 25.51
CA ASP B 269 -25.19 -7.76 25.95
C ASP B 269 -23.92 -7.07 25.39
N VAL B 270 -23.95 -6.65 24.13
CA VAL B 270 -22.74 -6.15 23.46
C VAL B 270 -22.47 -4.72 23.92
N THR B 271 -21.24 -4.44 24.35
CA THR B 271 -20.83 -3.09 24.81
C THR B 271 -19.41 -2.80 24.27
N ALA B 272 -18.78 -1.71 24.75
CA ALA B 272 -17.40 -1.37 24.46
C ALA B 272 -16.40 -2.43 24.94
N ARG B 273 -16.87 -3.39 25.72
CA ARG B 273 -16.07 -4.54 26.14
C ARG B 273 -15.76 -5.43 24.92
N TRP B 274 -16.63 -5.34 23.90
CA TRP B 274 -16.57 -6.20 22.74
C TRP B 274 -15.87 -5.53 21.61
N CYS B 275 -15.07 -6.33 20.89
CA CYS B 275 -14.47 -5.93 19.62
C CYS B 275 -14.87 -6.96 18.55
N LEU B 276 -15.58 -6.48 17.53
CA LEU B 276 -16.08 -7.40 16.50
C LEU B 276 -15.13 -7.24 15.37
N ILE B 277 -14.42 -8.31 15.09
CA ILE B 277 -13.36 -8.31 14.07
C ILE B 277 -13.97 -8.40 12.66
N HIS B 278 -13.50 -7.53 11.76
CA HIS B 278 -14.04 -7.37 10.40
C HIS B 278 -15.36 -6.66 10.35
N ALA B 279 -16.43 -7.33 10.75
CA ALA B 279 -17.78 -6.77 10.68
C ALA B 279 -17.97 -6.16 9.29
N THR B 280 -17.49 -6.88 8.26
CA THR B 280 -17.38 -6.34 6.91
C THR B 280 -18.72 -6.25 6.18
N HIS B 281 -19.61 -7.21 6.41
CA HIS B 281 -20.89 -7.23 5.73
C HIS B 281 -21.97 -6.97 6.73
N MET B 282 -22.36 -5.70 6.83
CA MET B 282 -23.48 -5.30 7.70
C MET B 282 -24.50 -4.47 6.94
N SER B 283 -25.77 -4.64 7.30
CA SER B 283 -26.82 -3.74 6.84
C SER B 283 -26.65 -2.40 7.54
N ASP B 284 -27.40 -1.40 7.10
CA ASP B 284 -27.32 -0.08 7.68
C ASP B 284 -27.81 -0.13 9.12
N GLU B 285 -28.84 -0.93 9.39
CA GLU B 285 -29.36 -1.10 10.76
C GLU B 285 -28.38 -1.79 11.69
N GLU B 286 -27.74 -2.86 11.23
CA GLU B 286 -26.69 -3.52 12.03
C GLU B 286 -25.56 -2.55 12.36
N THR B 287 -25.17 -1.76 11.37
CA THR B 287 -24.06 -0.81 11.55
C THR B 287 -24.36 0.18 12.66
N LYS B 288 -25.54 0.77 12.60
CA LYS B 288 -26.00 1.72 13.61
C LYS B 288 -26.13 1.12 15.00
N HIS B 289 -26.72 -0.06 15.09
CA HIS B 289 -26.93 -0.72 16.37
C HIS B 289 -25.59 -1.07 16.96
N MET B 290 -24.66 -1.50 16.12
CA MET B 290 -23.33 -1.87 16.61
C MET B 290 -22.67 -0.66 17.21
N ALA B 291 -22.68 0.44 16.47
CA ALA B 291 -22.10 1.68 16.95
C ALA B 291 -22.78 2.15 18.24
N LYS B 292 -24.10 2.04 18.30
CA LYS B 292 -24.85 2.55 19.46
C LYS B 292 -24.56 1.72 20.68
N ALA B 293 -24.37 0.41 20.47
CA ALA B 293 -23.99 -0.51 21.54
C ALA B 293 -22.59 -0.20 22.08
N GLY B 294 -21.74 0.44 21.27
CA GLY B 294 -20.39 0.82 21.70
C GLY B 294 -19.30 -0.19 21.36
N ALA B 295 -19.66 -1.26 20.64
CA ALA B 295 -18.70 -2.29 20.22
C ALA B 295 -17.67 -1.67 19.31
N ILE B 296 -16.41 -2.06 19.48
CA ILE B 296 -15.34 -1.53 18.63
C ILE B 296 -15.21 -2.38 17.38
N ALA B 297 -15.14 -1.73 16.22
CA ALA B 297 -14.90 -2.43 14.95
C ALA B 297 -13.42 -2.77 14.82
N GLY B 298 -13.08 -4.06 14.78
CA GLY B 298 -11.69 -4.49 14.65
C GLY B 298 -11.38 -4.65 13.17
N LEU B 299 -10.98 -3.56 12.54
CA LEU B 299 -10.77 -3.55 11.09
C LEU B 299 -9.37 -4.06 10.73
N CYS B 300 -9.32 -4.87 9.69
CA CYS B 300 -8.08 -5.45 9.21
C CYS B 300 -7.97 -5.22 7.71
N PRO B 301 -7.73 -3.94 7.30
CA PRO B 301 -7.94 -3.61 5.90
C PRO B 301 -7.02 -4.33 4.89
N VAL B 302 -5.73 -4.43 5.21
CA VAL B 302 -4.81 -5.14 4.33
C VAL B 302 -5.14 -6.60 4.20
N THR B 303 -5.41 -7.28 5.31
CA THR B 303 -5.80 -8.69 5.25
C THR B 303 -7.11 -8.87 4.53
N GLU B 304 -8.08 -7.99 4.77
CA GLU B 304 -9.38 -8.08 4.12
C GLU B 304 -9.24 -7.93 2.60
N ALA B 305 -8.35 -7.03 2.17
CA ALA B 305 -8.04 -6.90 0.72
C ALA B 305 -7.36 -8.16 0.19
N ASN B 306 -6.33 -8.64 0.91
CA ASN B 306 -5.56 -9.80 0.49
C ASN B 306 -6.49 -11.04 0.39
N LEU B 307 -7.52 -11.08 1.22
CA LEU B 307 -8.47 -12.19 1.21
C LEU B 307 -9.71 -11.93 0.31
N GLY B 308 -9.83 -10.74 -0.30
CA GLY B 308 -11.05 -10.38 -1.04
C GLY B 308 -12.35 -10.38 -0.21
N ASP B 309 -12.27 -10.00 1.06
CA ASP B 309 -13.42 -10.10 1.96
C ASP B 309 -14.55 -9.14 1.56
N GLY B 310 -14.19 -7.87 1.37
CA GLY B 310 -15.18 -6.85 1.11
C GLY B 310 -14.77 -5.54 1.73
N THR B 311 -15.70 -4.59 1.67
CA THR B 311 -15.42 -3.21 2.09
C THR B 311 -16.33 -2.83 3.27
N PHE B 312 -15.73 -2.33 4.34
CA PHE B 312 -16.47 -1.95 5.57
C PHE B 312 -17.37 -0.72 5.35
N ASN B 313 -18.48 -0.67 6.12
CA ASN B 313 -19.45 0.43 6.06
CA ASN B 313 -19.47 0.41 6.06
C ASN B 313 -18.95 1.59 6.91
N ALA B 314 -17.81 2.15 6.51
CA ALA B 314 -17.02 3.04 7.35
C ALA B 314 -17.70 4.41 7.66
N THR B 315 -18.30 5.05 6.66
CA THR B 315 -18.92 6.37 6.89
C THR B 315 -20.17 6.25 7.76
N GLU B 316 -21.01 5.25 7.47
CA GLU B 316 -22.22 4.99 8.28
C GLU B 316 -21.79 4.66 9.71
N PHE B 317 -20.77 3.81 9.87
CA PHE B 317 -20.32 3.44 11.22
C PHE B 317 -19.84 4.67 12.01
N ALA B 318 -19.02 5.51 11.37
CA ALA B 318 -18.46 6.72 12.01
C ALA B 318 -19.55 7.76 12.30
N ALA B 319 -20.48 7.95 11.37
CA ALA B 319 -21.58 8.90 11.57
C ALA B 319 -22.46 8.48 12.76
N ALA B 320 -22.56 7.20 13.05
CA ALA B 320 -23.35 6.74 14.17
C ALA B 320 -22.57 6.74 15.51
N GLY B 321 -21.38 7.32 15.50
CA GLY B 321 -20.50 7.34 16.69
C GLY B 321 -19.69 6.08 16.90
N GLY B 322 -19.59 5.22 15.89
CA GLY B 322 -18.86 3.98 16.05
C GLY B 322 -17.37 4.25 16.14
N LYS B 323 -16.66 3.42 16.89
CA LYS B 323 -15.23 3.54 17.03
C LYS B 323 -14.56 2.28 16.49
N PHE B 324 -13.32 2.43 16.02
CA PHE B 324 -12.58 1.33 15.37
C PHE B 324 -11.11 1.32 15.74
N GLY B 325 -10.47 0.17 15.52
CA GLY B 325 -9.04 0.04 15.49
C GLY B 325 -8.57 -0.82 14.30
N ILE B 326 -7.26 -0.96 14.16
CA ILE B 326 -6.68 -1.74 13.08
C ILE B 326 -5.84 -2.87 13.60
N GLY B 327 -5.90 -3.98 12.86
CA GLY B 327 -5.09 -5.14 13.12
C GLY B 327 -4.47 -5.74 11.87
N SER B 328 -3.22 -6.17 12.00
CA SER B 328 -2.50 -6.79 10.87
C SER B 328 -3.01 -8.20 10.53
N ASP B 329 -3.62 -8.86 11.50
CA ASP B 329 -4.46 -10.06 11.27
C ASP B 329 -3.64 -11.22 10.70
N SER B 330 -3.61 -11.38 9.39
CA SER B 330 -2.82 -12.46 8.76
C SER B 330 -1.36 -12.14 8.82
N ASN B 331 -1.07 -10.86 9.13
CA ASN B 331 0.34 -10.42 9.27
C ASN B 331 1.13 -10.56 7.96
N VAL B 332 0.40 -10.49 6.84
CA VAL B 332 1.06 -10.55 5.50
C VAL B 332 1.94 -9.31 5.25
N LEU B 333 1.51 -8.17 5.76
CA LEU B 333 2.25 -6.90 5.53
C LEU B 333 1.96 -5.96 6.69
N ILE B 334 3.01 -5.48 7.34
CA ILE B 334 2.90 -4.77 8.63
C ILE B 334 3.14 -3.26 8.43
N GLY B 335 2.12 -2.43 8.69
CA GLY B 335 2.27 -0.98 8.56
C GLY B 335 1.04 -0.18 8.95
N ILE B 336 1.24 0.91 9.68
CA ILE B 336 0.10 1.77 10.07
C ILE B 336 -0.37 2.48 8.81
N GLY B 337 0.56 3.03 8.05
CA GLY B 337 0.21 3.69 6.78
C GLY B 337 -0.52 2.74 5.82
N ASP B 338 0.00 1.52 5.73
CA ASP B 338 -0.60 0.53 4.87
C ASP B 338 -2.06 0.24 5.21
N GLU B 339 -2.34 0.03 6.49
CA GLU B 339 -3.69 -0.25 6.92
C GLU B 339 -4.65 0.92 6.74
N LEU B 340 -4.23 2.09 7.19
CA LEU B 340 -5.11 3.26 7.15
C LEU B 340 -5.34 3.68 5.71
N ARG B 341 -4.27 3.68 4.91
CA ARG B 341 -4.41 4.01 3.50
C ARG B 341 -5.40 3.06 2.83
N GLN B 342 -5.23 1.76 3.07
CA GLN B 342 -6.15 0.76 2.47
C GLN B 342 -7.61 0.97 2.92
N LEU B 343 -7.81 1.28 4.20
CA LEU B 343 -9.15 1.60 4.67
C LEU B 343 -9.76 2.76 3.87
N GLU B 344 -9.06 3.89 3.80
CA GLU B 344 -9.56 5.04 3.08
C GLU B 344 -9.78 4.72 1.62
N TYR B 345 -8.78 4.10 0.98
CA TYR B 345 -8.86 3.90 -0.45
C TYR B 345 -9.96 2.92 -0.80
N SER B 346 -10.26 1.96 0.07
CA SER B 346 -11.36 1.04 -0.18
C SER B 346 -12.62 1.89 -0.25
N GLN B 347 -12.69 2.92 0.59
CA GLN B 347 -13.87 3.78 0.60
C GLN B 347 -13.93 4.65 -0.65
N ARG B 348 -12.78 5.19 -1.07
CA ARG B 348 -12.73 6.06 -2.25
C ARG B 348 -13.22 5.34 -3.51
N LEU B 349 -12.80 4.09 -3.68
CA LEU B 349 -13.20 3.30 -4.84
C LEU B 349 -14.68 2.92 -4.76
N TYR B 350 -15.16 2.55 -3.59
CA TYR B 350 -16.55 2.13 -3.42
C TYR B 350 -17.53 3.30 -3.58
N HIS B 351 -17.17 4.47 -3.07
CA HIS B 351 -18.06 5.63 -3.11
C HIS B 351 -17.71 6.63 -4.20
N ARG B 352 -16.65 6.37 -4.98
CA ARG B 352 -16.27 7.28 -6.07
C ARG B 352 -16.02 8.74 -5.57
N ALA B 353 -15.23 8.88 -4.49
CA ALA B 353 -15.08 10.17 -3.78
C ALA B 353 -13.70 10.21 -3.13
N ARG B 354 -13.28 11.39 -2.68
CA ARG B 354 -12.02 11.52 -1.96
C ARG B 354 -12.27 12.00 -0.53
N ASN B 355 -11.29 11.76 0.32
CA ASN B 355 -11.33 12.16 1.75
C ASN B 355 -12.64 11.75 2.40
N VAL B 356 -12.97 10.48 2.25
CA VAL B 356 -14.21 9.93 2.70
C VAL B 356 -14.26 9.83 4.21
N LEU B 357 -13.17 9.42 4.83
CA LEU B 357 -13.14 9.17 6.26
C LEU B 357 -12.56 10.35 7.08
N ALA B 358 -12.31 11.48 6.43
CA ALA B 358 -12.04 12.72 7.16
C ALA B 358 -13.25 13.09 8.06
N ALA B 359 -12.99 13.81 9.15
CA ALA B 359 -14.04 14.27 10.10
C ALA B 359 -14.22 15.77 9.91
N ASN B 360 -15.44 16.21 9.68
CA ASN B 360 -15.70 17.62 9.34
C ASN B 360 -15.01 17.91 8.01
N GLU B 361 -14.29 19.02 7.92
CA GLU B 361 -13.50 19.26 6.73
C GLU B 361 -12.00 19.05 6.97
N GLY B 362 -11.68 18.20 7.94
CA GLY B 362 -10.30 18.01 8.35
C GLY B 362 -9.50 17.07 7.46
N SER B 363 -8.30 16.74 7.96
CA SER B 363 -7.39 15.83 7.33
C SER B 363 -7.91 14.41 7.45
N THR B 364 -7.81 13.65 6.35
CA THR B 364 -8.21 12.23 6.38
C THR B 364 -7.20 11.44 7.23
N GLY B 365 -5.91 11.75 7.11
CA GLY B 365 -4.90 11.03 7.89
C GLY B 365 -5.06 11.28 9.38
N ARG B 366 -5.37 12.53 9.73
CA ARG B 366 -5.66 12.90 11.12
C ARG B 366 -6.83 12.12 11.72
N ALA B 367 -7.95 12.12 11.02
CA ALA B 367 -9.16 11.43 11.49
C ALA B 367 -8.90 9.94 11.67
N LEU B 368 -8.22 9.33 10.70
CA LEU B 368 -8.00 7.91 10.74
C LEU B 368 -7.02 7.55 11.85
N PHE B 369 -5.96 8.32 11.98
CA PHE B 369 -4.96 8.05 12.97
C PHE B 369 -5.53 8.22 14.37
N ASP B 370 -6.23 9.33 14.63
CA ASP B 370 -6.81 9.55 15.94
C ASP B 370 -7.80 8.44 16.25
N GLY B 371 -8.65 8.14 15.28
CA GLY B 371 -9.71 7.13 15.48
C GLY B 371 -9.15 5.77 15.82
N ALA B 372 -8.10 5.36 15.09
CA ALA B 372 -7.57 4.02 15.25
C ALA B 372 -6.82 3.87 16.56
N VAL B 373 -6.14 4.92 17.00
CA VAL B 373 -5.53 4.90 18.35
C VAL B 373 -6.60 4.77 19.45
N LEU B 374 -7.64 5.60 19.36
CA LEU B 374 -8.72 5.66 20.34
C LEU B 374 -9.48 4.33 20.45
N GLY B 375 -9.98 3.84 19.34
CA GLY B 375 -10.76 2.58 19.35
C GLY B 375 -9.89 1.39 19.64
N GLY B 376 -8.67 1.43 19.13
CA GLY B 376 -7.72 0.39 19.42
C GLY B 376 -7.45 0.19 20.89
N ASN B 377 -7.17 1.28 21.60
CA ASN B 377 -6.90 1.14 23.05
C ASN B 377 -8.13 0.66 23.83
N ILE B 378 -9.34 1.07 23.42
CA ILE B 378 -10.56 0.57 24.05
C ILE B 378 -10.70 -0.95 23.84
N ALA B 379 -10.53 -1.42 22.60
CA ALA B 379 -10.58 -2.88 22.30
C ALA B 379 -9.52 -3.66 23.07
N MET B 380 -8.40 -3.00 23.38
CA MET B 380 -7.30 -3.68 24.07
C MET B 380 -7.51 -3.68 25.60
N GLY B 381 -8.59 -3.06 26.09
CA GLY B 381 -8.84 -2.95 27.52
C GLY B 381 -7.97 -1.91 28.21
N ARG B 382 -7.51 -0.91 27.46
CA ARG B 382 -6.59 0.08 27.97
C ARG B 382 -7.11 1.50 27.62
N PRO B 383 -8.33 1.84 28.05
CA PRO B 383 -8.90 3.12 27.66
C PRO B 383 -8.16 4.30 28.29
N GLU B 384 -7.40 4.06 29.35
CA GLU B 384 -6.59 5.10 30.00
C GLU B 384 -5.38 5.50 29.19
N ASP B 385 -5.09 4.74 28.16
CA ASP B 385 -3.84 4.94 27.42
C ASP B 385 -4.00 5.99 26.31
N GLY B 386 -2.85 6.38 25.75
CA GLY B 386 -2.77 7.55 24.88
C GLY B 386 -1.72 8.54 25.38
N LEU B 387 -1.64 9.69 24.71
CA LEU B 387 -0.75 10.78 25.15
C LEU B 387 -1.45 11.61 26.19
N LYS B 388 -1.61 11.03 27.37
CA LYS B 388 -2.33 11.63 28.49
C LYS B 388 -1.54 11.34 29.76
N LYS B 389 -1.69 12.24 30.72
CA LYS B 389 -1.17 12.02 32.05
C LYS B 389 -1.77 10.72 32.62
N GLY B 390 -0.91 9.89 33.23
CA GLY B 390 -1.34 8.62 33.79
C GLY B 390 -1.45 7.46 32.83
N ALA B 391 -1.29 7.71 31.53
CA ALA B 391 -1.21 6.65 30.54
C ALA B 391 0.15 5.96 30.59
N SER B 392 0.20 4.75 30.07
CA SER B 392 1.50 4.09 29.82
C SER B 392 2.32 5.00 28.91
N ALA B 393 3.65 5.07 29.13
CA ALA B 393 4.51 5.89 28.27
C ALA B 393 4.79 5.15 26.97
N ASP B 394 3.78 5.11 26.11
CA ASP B 394 3.80 4.43 24.83
C ASP B 394 3.60 5.47 23.72
N PHE B 395 4.63 5.72 22.91
CA PHE B 395 4.49 6.70 21.87
C PHE B 395 5.60 6.54 20.85
N VAL B 396 5.48 7.32 19.77
CA VAL B 396 6.25 7.14 18.54
C VAL B 396 6.74 8.51 18.02
N SER B 397 8.02 8.61 17.60
CA SER B 397 8.47 9.81 16.89
C SER B 397 8.60 9.50 15.40
N LEU B 398 8.29 10.49 14.58
CA LEU B 398 8.29 10.33 13.17
C LEU B 398 9.50 11.04 12.56
N ASP B 399 10.13 10.40 11.57
CA ASP B 399 11.19 11.03 10.79
C ASP B 399 10.53 11.97 9.80
N VAL B 400 10.75 13.26 9.99
CA VAL B 400 10.18 14.32 9.14
C VAL B 400 11.26 15.06 8.34
N GLU B 401 12.34 14.36 8.05
CA GLU B 401 13.43 14.89 7.27
C GLU B 401 12.94 15.40 5.91
N ARG B 402 11.98 14.71 5.30
CA ARG B 402 11.40 15.16 4.04
C ARG B 402 10.17 16.08 4.20
N LEU B 403 9.79 16.40 5.43
CA LEU B 403 8.66 17.30 5.70
C LEU B 403 9.07 18.36 6.71
N PRO B 404 10.15 19.13 6.42
CA PRO B 404 10.84 19.95 7.40
C PRO B 404 10.01 21.08 7.99
N HIS B 405 9.10 21.65 7.20
CA HIS B 405 8.28 22.75 7.72
C HIS B 405 6.87 22.32 8.02
N ALA B 406 6.56 21.04 7.77
CA ALA B 406 5.17 20.58 7.81
C ALA B 406 4.59 20.68 9.23
N LYS B 407 3.44 21.35 9.36
CA LYS B 407 2.74 21.52 10.62
C LYS B 407 1.88 20.28 10.75
N GLY B 408 1.45 19.94 11.96
CA GLY B 408 0.86 18.63 12.32
C GLY B 408 0.13 17.74 11.35
N ASP B 409 -1.09 18.06 10.96
CA ASP B 409 -1.89 17.16 10.11
C ASP B 409 -1.19 16.82 8.77
N VAL B 410 -0.47 17.78 8.21
CA VAL B 410 0.28 17.60 6.99
C VAL B 410 1.31 16.50 7.17
N VAL B 411 1.89 16.42 8.38
CA VAL B 411 2.83 15.32 8.65
C VAL B 411 2.12 13.95 8.55
N LEU B 412 0.91 13.84 9.12
CA LEU B 412 0.18 12.58 9.11
C LEU B 412 -0.18 12.19 7.67
N ASP B 413 -0.65 13.16 6.90
CA ASP B 413 -1.03 12.88 5.51
C ASP B 413 0.18 12.47 4.67
N GLY B 414 1.34 13.03 4.97
CA GLY B 414 2.57 12.70 4.24
C GLY B 414 3.03 11.31 4.56
N TRP B 415 2.89 10.98 5.82
CA TRP B 415 3.23 9.66 6.31
C TRP B 415 2.34 8.63 5.72
N ILE B 416 1.03 8.84 5.81
CA ILE B 416 0.08 7.78 5.49
C ILE B 416 -0.17 7.64 4.00
N PHE B 417 -0.19 8.74 3.25
CA PHE B 417 -0.57 8.70 1.84
C PHE B 417 0.55 8.86 0.84
N ALA B 418 1.62 9.54 1.22
CA ALA B 418 2.65 9.92 0.26
C ALA B 418 3.99 9.28 0.54
N GLY B 419 4.12 8.52 1.63
CA GLY B 419 5.39 7.86 1.94
C GLY B 419 6.50 8.85 2.30
N ARG B 420 6.12 10.03 2.76
CA ARG B 420 7.08 11.12 2.99
C ARG B 420 7.60 11.24 4.46
N ALA B 421 7.12 10.38 5.35
CA ALA B 421 7.68 10.21 6.69
C ALA B 421 7.68 8.75 7.01
N HIS B 422 8.44 8.39 8.06
CA HIS B 422 8.57 7.05 8.57
C HIS B 422 8.74 7.07 10.09
N VAL B 423 8.47 5.94 10.72
CA VAL B 423 8.71 5.76 12.19
C VAL B 423 10.20 5.89 12.53
N CYS B 424 10.50 6.71 13.52
CA CYS B 424 11.87 6.90 13.99
C CYS B 424 12.10 6.13 15.31
N ASP B 425 11.70 6.72 16.45
CA ASP B 425 11.80 6.04 17.75
C ASP B 425 10.45 5.57 18.24
N VAL B 426 10.46 4.51 19.05
CA VAL B 426 9.25 3.99 19.61
C VAL B 426 9.53 3.58 21.05
N TRP B 427 8.68 4.06 21.96
CA TRP B 427 8.75 3.72 23.36
C TRP B 427 7.56 2.94 23.79
N VAL B 428 7.79 1.91 24.61
CA VAL B 428 6.73 1.17 25.29
C VAL B 428 7.05 1.10 26.79
N ARG B 429 6.12 1.55 27.62
CA ARG B 429 6.33 1.66 29.06
C ARG B 429 7.60 2.43 29.33
N GLY B 430 7.80 3.51 28.57
CA GLY B 430 8.94 4.36 28.75
C GLY B 430 10.25 3.78 28.26
N VAL B 431 10.27 2.57 27.70
CA VAL B 431 11.55 1.96 27.22
C VAL B 431 11.66 2.13 25.72
N LYS B 432 12.75 2.73 25.24
CA LYS B 432 12.91 2.94 23.80
C LYS B 432 13.25 1.64 23.11
N GLN B 433 12.27 1.04 22.44
CA GLN B 433 12.49 -0.24 21.83
C GLN B 433 13.04 -0.10 20.39
N VAL B 434 12.70 1.00 19.72
CA VAL B 434 13.07 1.24 18.33
C VAL B 434 13.79 2.56 18.27
N GLU B 435 14.94 2.58 17.61
CA GLU B 435 15.72 3.77 17.42
C GLU B 435 16.05 3.95 15.93
N GLY B 436 15.72 5.12 15.36
CA GLY B 436 15.93 5.37 13.94
C GLY B 436 15.37 4.24 13.09
N GLY B 437 14.19 3.75 13.43
CA GLY B 437 13.56 2.71 12.64
C GLY B 437 13.98 1.28 12.95
N ARG B 438 14.98 1.10 13.80
CA ARG B 438 15.54 -0.21 14.11
C ARG B 438 15.27 -0.63 15.55
N HIS B 439 14.64 -1.79 15.71
CA HIS B 439 14.49 -2.42 17.01
C HIS B 439 15.81 -2.90 17.51
N ARG B 440 16.04 -2.69 18.79
CA ARG B 440 17.29 -3.09 19.43
C ARG B 440 17.65 -4.58 19.25
N LEU B 441 16.69 -5.47 19.02
CA LEU B 441 16.95 -6.92 18.80
C LEU B 441 16.59 -7.45 17.37
N ARG B 442 16.48 -6.56 16.38
CA ARG B 442 16.02 -7.00 15.04
C ARG B 442 16.86 -8.14 14.49
N ASP B 443 18.18 -7.99 14.49
CA ASP B 443 19.03 -8.97 13.82
C ASP B 443 19.02 -10.35 14.51
N GLU B 444 19.03 -10.34 15.84
CA GLU B 444 18.96 -11.58 16.60
C GLU B 444 17.59 -12.26 16.37
N ALA B 445 16.52 -11.48 16.43
CA ALA B 445 15.19 -12.01 16.19
C ALA B 445 15.07 -12.59 14.79
N GLU B 446 15.65 -11.89 13.81
CA GLU B 446 15.66 -12.35 12.43
C GLU B 446 16.38 -13.68 12.22
N ARG B 447 17.55 -13.83 12.83
CA ARG B 447 18.29 -15.10 12.70
C ARG B 447 17.44 -16.26 13.22
N ALA B 448 16.80 -16.08 14.37
CA ALA B 448 15.97 -17.13 14.92
C ALA B 448 14.73 -17.39 14.03
N PHE B 449 14.16 -16.32 13.48
CA PHE B 449 13.03 -16.44 12.57
C PHE B 449 13.38 -17.23 11.31
N GLN B 450 14.53 -16.93 10.68
CA GLN B 450 14.94 -17.64 9.45
C GLN B 450 15.20 -19.13 9.73
N LYS B 451 15.74 -19.44 10.91
CA LYS B 451 15.93 -20.84 11.31
C LYS B 451 14.57 -21.54 11.41
N ALA B 452 13.61 -20.94 12.12
CA ALA B 452 12.27 -21.53 12.22
C ALA B 452 11.57 -21.69 10.85
N LEU B 453 11.69 -20.70 10.00
CA LEU B 453 11.11 -20.75 8.65
C LEU B 453 11.67 -21.93 7.85
N GLY B 454 13.00 -22.05 7.84
CA GLY B 454 13.67 -23.14 7.20
C GLY B 454 13.14 -24.48 7.66
N GLU B 455 12.94 -24.64 8.97
CA GLU B 455 12.41 -25.88 9.51
C GLU B 455 10.98 -26.13 8.99
N LEU B 456 10.17 -25.09 9.01
CA LEU B 456 8.76 -25.22 8.62
C LEU B 456 8.55 -25.49 7.13
N LEU B 457 9.42 -24.93 6.29
CA LEU B 457 9.32 -25.04 4.83
C LEU B 457 10.14 -26.19 4.22
N ALA B 458 10.89 -26.93 5.03
CA ALA B 458 11.79 -27.95 4.50
C ALA B 458 11.01 -29.17 3.98
#